data_5WTL
#
_entry.id   5WTL
#
_cell.length_a   73.205
_cell.length_b   87.343
_cell.length_c   185.458
_cell.angle_alpha   90.00
_cell.angle_beta   90.00
_cell.angle_gamma   90.00
#
_symmetry.space_group_name_H-M   'P 21 21 21'
#
loop_
_entity.id
_entity.type
_entity.pdbx_description
1 polymer 'OmpA family protein'
2 non-polymer 'CALCIUM ION'
3 non-polymer 'SULFATE ION'
4 non-polymer '2-(N-MORPHOLINO)-ETHANESULFONIC ACID'
5 water water
#
_entity_poly.entity_id   1
_entity_poly.type   'polypeptide(L)'
_entity_poly.pdbx_seq_one_letter_code
;GSKDTDKDGIPDNKDACPEVPGLKEFNGCPDTDGDGIPDKDDACPQVKGPKEFNGCPDTDGDGIPDKDDACPEVAGPKEF
NGCPDTDGDGIPDKDDKCPDVAGPAENGGCPWPDTDGDGVLDKDDLCPEVAGPASNKGCPEPDEKEQKQLNQYAKTILFD
TGKATIKFQSAEVLNQIINVLKKYPNSRFRIEGHTDSTGKKAKNMILSQNRADAVKVYLIQGGIDAGRLESQGFGPEKPI
ASNKNKKGRELNRRVEINLIK
;
_entity_poly.pdbx_strand_id   A,B,C,D
#
loop_
_chem_comp.id
_chem_comp.type
_chem_comp.name
_chem_comp.formula
CA non-polymer 'CALCIUM ION' 'Ca 2'
MES non-polymer '2-(N-MORPHOLINO)-ETHANESULFONIC ACID' 'C6 H13 N O4 S'
SO4 non-polymer 'SULFATE ION' 'O4 S -2'
#
# COMPACT_ATOMS: atom_id res chain seq x y z
N ASP A 4 123.66 -11.09 -104.29
CA ASP A 4 122.44 -10.42 -103.83
C ASP A 4 121.20 -11.22 -104.22
N THR A 5 120.71 -12.04 -103.30
CA THR A 5 119.58 -12.93 -103.58
C THR A 5 118.26 -12.17 -103.78
N ASP A 6 117.99 -11.22 -102.89
CA ASP A 6 116.73 -10.47 -102.92
C ASP A 6 116.85 -9.11 -103.60
N LYS A 7 118.02 -8.83 -104.16
CA LYS A 7 118.26 -7.61 -104.94
C LYS A 7 117.94 -6.30 -104.20
N ASP A 8 118.44 -6.17 -102.97
CA ASP A 8 118.25 -4.92 -102.23
C ASP A 8 119.53 -4.11 -102.11
N GLY A 9 120.60 -4.61 -102.73
CA GLY A 9 121.87 -3.91 -102.72
C GLY A 9 122.82 -4.43 -101.65
N ILE A 10 122.28 -5.12 -100.65
CA ILE A 10 123.08 -5.65 -99.55
C ILE A 10 123.45 -7.11 -99.79
N PRO A 11 124.76 -7.40 -99.85
CA PRO A 11 125.31 -8.74 -100.13
C PRO A 11 124.67 -9.84 -99.28
N ASP A 12 124.62 -11.05 -99.83
CA ASP A 12 123.94 -12.17 -99.18
C ASP A 12 124.51 -12.52 -97.81
N ASN A 13 125.85 -12.54 -97.71
CA ASN A 13 126.50 -12.90 -96.46
C ASN A 13 126.24 -11.89 -95.34
N LYS A 14 126.09 -10.62 -95.73
CA LYS A 14 125.85 -9.56 -94.75
C LYS A 14 124.41 -9.07 -94.79
N ASP A 15 123.49 -9.95 -95.20
CA ASP A 15 122.06 -9.62 -95.19
C ASP A 15 121.38 -10.37 -94.06
N ALA A 16 121.01 -9.63 -93.01
CA ALA A 16 120.35 -10.21 -91.85
C ALA A 16 119.05 -10.91 -92.24
N CYS A 17 118.39 -10.38 -93.26
CA CYS A 17 117.21 -11.00 -93.84
C CYS A 17 117.44 -11.13 -95.33
N PRO A 18 118.08 -12.23 -95.76
CA PRO A 18 118.51 -12.43 -97.15
C PRO A 18 117.37 -12.79 -98.09
N GLU A 19 116.20 -13.07 -97.53
CA GLU A 19 115.04 -13.43 -98.33
C GLU A 19 114.16 -12.22 -98.63
N VAL A 20 114.27 -11.20 -97.77
CA VAL A 20 113.44 -10.01 -97.90
C VAL A 20 114.24 -8.79 -98.33
N PRO A 21 113.82 -8.13 -99.42
CA PRO A 21 114.44 -6.88 -99.86
C PRO A 21 114.27 -5.78 -98.82
N GLY A 22 115.37 -5.35 -98.22
CA GLY A 22 115.33 -4.36 -97.16
C GLY A 22 116.19 -3.14 -97.41
N LEU A 23 116.75 -2.61 -96.33
CA LEU A 23 117.54 -1.39 -96.41
C LEU A 23 118.91 -1.62 -95.76
N LYS A 24 119.88 -0.79 -96.14
CA LYS A 24 121.24 -0.95 -95.66
C LYS A 24 121.39 -0.65 -94.17
N GLU A 25 120.63 0.34 -93.70
CA GLU A 25 120.72 0.79 -92.31
C GLU A 25 120.42 -0.34 -91.30
N PHE A 26 119.63 -1.31 -91.73
CA PHE A 26 119.23 -2.40 -90.85
C PHE A 26 119.71 -3.75 -91.36
N ASN A 27 120.88 -3.75 -92.00
CA ASN A 27 121.52 -4.97 -92.50
C ASN A 27 120.67 -5.76 -93.50
N GLY A 28 120.05 -5.06 -94.44
CA GLY A 28 119.25 -5.70 -95.47
C GLY A 28 117.84 -6.07 -95.04
N CYS A 29 117.39 -5.51 -93.92
CA CYS A 29 116.05 -5.77 -93.42
C CYS A 29 115.12 -4.58 -93.65
N PRO A 30 113.85 -4.85 -93.96
CA PRO A 30 112.88 -3.80 -94.30
C PRO A 30 112.34 -3.02 -93.09
N ASP A 31 112.01 -1.75 -93.33
CA ASP A 31 111.32 -0.90 -92.37
C ASP A 31 110.01 -0.47 -93.01
N THR A 32 108.98 -1.31 -92.84
CA THR A 32 107.69 -1.15 -93.51
C THR A 32 107.00 0.21 -93.28
N ASP A 33 106.84 0.60 -92.02
CA ASP A 33 106.14 1.85 -91.72
C ASP A 33 107.05 3.08 -91.77
N GLY A 34 108.34 2.84 -91.94
CA GLY A 34 109.32 3.92 -92.05
C GLY A 34 109.59 4.68 -90.77
N ASP A 35 109.39 4.05 -89.62
CA ASP A 35 109.60 4.75 -88.35
C ASP A 35 111.03 4.65 -87.81
N GLY A 36 111.88 3.93 -88.52
CA GLY A 36 113.27 3.79 -88.10
C GLY A 36 113.55 2.50 -87.35
N ILE A 37 112.50 1.75 -87.03
CA ILE A 37 112.65 0.47 -86.37
C ILE A 37 112.23 -0.66 -87.31
N PRO A 38 113.18 -1.52 -87.69
CA PRO A 38 112.91 -2.60 -88.65
C PRO A 38 111.80 -3.53 -88.17
N ASP A 39 111.10 -4.14 -89.11
CA ASP A 39 109.95 -5.02 -88.83
C ASP A 39 110.21 -6.05 -87.74
N LYS A 40 111.37 -6.71 -87.81
CA LYS A 40 111.70 -7.78 -86.88
C LYS A 40 111.81 -7.29 -85.44
N ASP A 41 111.95 -5.98 -85.26
CA ASP A 41 112.04 -5.39 -83.94
C ASP A 41 110.92 -4.39 -83.64
N ASP A 42 110.00 -4.23 -84.60
CA ASP A 42 108.91 -3.26 -84.50
C ASP A 42 107.64 -3.96 -84.02
N ALA A 43 107.24 -3.68 -82.79
CA ALA A 43 106.07 -4.32 -82.20
C ALA A 43 104.78 -3.87 -82.88
N CYS A 44 104.85 -2.74 -83.57
CA CYS A 44 103.75 -2.26 -84.40
C CYS A 44 104.27 -1.92 -85.80
N PRO A 45 104.61 -2.95 -86.59
CA PRO A 45 105.36 -2.79 -87.84
C PRO A 45 104.67 -1.95 -88.92
N GLN A 46 103.36 -1.76 -88.82
CA GLN A 46 102.66 -0.96 -89.82
C GLN A 46 102.27 0.42 -89.32
N VAL A 47 102.56 0.71 -88.05
CA VAL A 47 102.23 1.99 -87.44
C VAL A 47 103.46 2.70 -86.86
N LYS A 48 103.67 3.95 -87.23
CA LYS A 48 104.81 4.73 -86.74
C LYS A 48 104.78 4.88 -85.21
N GLY A 49 105.95 4.72 -84.60
CA GLY A 49 106.06 4.83 -83.15
C GLY A 49 107.51 4.95 -82.72
N PRO A 50 107.74 5.52 -81.52
CA PRO A 50 109.09 5.79 -81.02
C PRO A 50 109.80 4.52 -80.55
N LYS A 51 111.12 4.58 -80.46
CA LYS A 51 111.91 3.44 -80.00
C LYS A 51 111.54 3.06 -78.56
N GLU A 52 111.10 4.07 -77.81
CA GLU A 52 110.69 3.90 -76.42
C GLU A 52 109.70 2.74 -76.24
N PHE A 53 108.80 2.59 -77.21
CA PHE A 53 107.85 1.50 -77.16
C PHE A 53 108.01 0.58 -78.36
N ASN A 54 109.24 0.45 -78.82
CA ASN A 54 109.60 -0.51 -79.87
C ASN A 54 108.81 -0.31 -81.16
N GLY A 55 108.61 0.95 -81.51
CA GLY A 55 107.91 1.32 -82.71
C GLY A 55 106.40 1.29 -82.56
N CYS A 56 105.91 1.37 -81.33
CA CYS A 56 104.47 1.47 -81.07
C CYS A 56 104.12 2.84 -80.51
N PRO A 57 103.10 3.48 -81.11
CA PRO A 57 102.73 4.83 -80.71
C PRO A 57 102.03 4.86 -79.36
N ASP A 58 102.23 5.96 -78.64
CA ASP A 58 101.56 6.20 -77.37
C ASP A 58 100.68 7.44 -77.57
N THR A 59 99.50 7.21 -78.13
CA THR A 59 98.61 8.28 -78.57
C THR A 59 98.27 9.30 -77.48
N ASP A 60 97.80 8.84 -76.33
CA ASP A 60 97.39 9.76 -75.27
C ASP A 60 98.57 10.30 -74.48
N GLY A 61 99.72 9.65 -74.60
CA GLY A 61 100.94 10.12 -73.95
C GLY A 61 101.09 9.73 -72.50
N ASP A 62 100.45 8.65 -72.06
CA ASP A 62 100.56 8.25 -70.67
C ASP A 62 101.73 7.29 -70.41
N GLY A 63 102.55 7.07 -71.43
CA GLY A 63 103.72 6.22 -71.27
C GLY A 63 103.38 4.75 -71.43
N ILE A 64 102.16 4.49 -71.87
CA ILE A 64 101.74 3.15 -72.20
C ILE A 64 101.24 3.12 -73.64
N PRO A 65 101.98 2.40 -74.50
CA PRO A 65 101.63 2.33 -75.93
C PRO A 65 100.22 1.81 -76.13
N ASP A 66 99.58 2.25 -77.20
CA ASP A 66 98.21 1.90 -77.51
C ASP A 66 97.93 0.40 -77.41
N LYS A 67 98.87 -0.41 -77.92
CA LYS A 67 98.73 -1.86 -77.94
C LYS A 67 98.52 -2.45 -76.53
N ASP A 68 99.05 -1.77 -75.53
CA ASP A 68 98.99 -2.25 -74.15
C ASP A 68 98.15 -1.34 -73.27
N ASP A 69 97.57 -0.29 -73.85
CA ASP A 69 96.76 0.69 -73.13
C ASP A 69 95.29 0.24 -73.17
N ALA A 70 94.74 -0.11 -72.01
CA ALA A 70 93.34 -0.55 -71.94
C ALA A 70 92.38 0.59 -72.30
N CYS A 71 92.86 1.82 -72.15
CA CYS A 71 92.13 3.00 -72.60
C CYS A 71 93.10 3.86 -73.39
N PRO A 72 93.31 3.51 -74.67
CA PRO A 72 94.39 4.09 -75.47
C PRO A 72 94.18 5.57 -75.82
N GLU A 73 92.98 6.09 -75.58
CA GLU A 73 92.70 7.48 -75.93
C GLU A 73 92.71 8.42 -74.72
N VAL A 74 92.61 7.84 -73.52
CA VAL A 74 92.63 8.64 -72.29
C VAL A 74 93.81 8.28 -71.39
N ALA A 75 94.59 9.29 -71.02
CA ALA A 75 95.72 9.10 -70.11
C ALA A 75 95.29 8.42 -68.81
N GLY A 76 96.09 7.45 -68.37
CA GLY A 76 95.82 6.73 -67.14
C GLY A 76 97.07 6.08 -66.59
N PRO A 77 97.11 5.86 -65.26
CA PRO A 77 98.28 5.29 -64.59
C PRO A 77 98.49 3.84 -64.97
N LYS A 78 99.72 3.36 -64.82
CA LYS A 78 100.06 1.98 -65.17
C LYS A 78 99.38 0.99 -64.24
N GLU A 79 99.00 1.47 -63.05
CA GLU A 79 98.27 0.67 -62.08
C GLU A 79 97.00 0.08 -62.68
N PHE A 80 96.34 0.84 -63.54
CA PHE A 80 95.13 0.37 -64.20
C PHE A 80 95.32 0.22 -65.72
N ASN A 81 96.55 -0.12 -66.11
CA ASN A 81 96.87 -0.42 -67.51
C ASN A 81 96.49 0.69 -68.48
N GLY A 82 96.72 1.93 -68.08
CA GLY A 82 96.44 3.07 -68.94
C GLY A 82 95.05 3.66 -68.76
N CYS A 83 94.27 3.09 -67.86
CA CYS A 83 92.95 3.65 -67.56
C CYS A 83 93.00 4.58 -66.35
N PRO A 84 92.42 5.78 -66.49
CA PRO A 84 92.45 6.80 -65.44
C PRO A 84 91.57 6.46 -64.25
N ASP A 85 92.04 6.85 -63.06
CA ASP A 85 91.21 6.86 -61.86
C ASP A 85 91.22 8.31 -61.37
N THR A 86 90.42 9.14 -62.04
CA THR A 86 90.42 10.58 -61.84
C THR A 86 90.22 11.03 -60.39
N ASP A 87 89.18 10.53 -59.71
CA ASP A 87 88.93 10.93 -58.33
C ASP A 87 89.77 10.17 -57.31
N GLY A 88 90.44 9.11 -57.76
CA GLY A 88 91.35 8.36 -56.91
C GLY A 88 90.68 7.44 -55.90
N ASP A 89 89.45 7.02 -56.17
CA ASP A 89 88.77 6.09 -55.27
C ASP A 89 89.10 4.62 -55.57
N GLY A 90 90.05 4.40 -56.48
CA GLY A 90 90.51 3.06 -56.80
C GLY A 90 89.69 2.43 -57.92
N ILE A 91 88.67 3.15 -58.36
CA ILE A 91 87.80 2.67 -59.42
C ILE A 91 87.98 3.52 -60.68
N PRO A 92 88.49 2.91 -61.76
CA PRO A 92 88.71 3.60 -63.04
C PRO A 92 87.44 4.26 -63.54
N ASP A 93 87.57 5.42 -64.20
CA ASP A 93 86.43 6.20 -64.68
C ASP A 93 85.43 5.36 -65.47
N LYS A 94 85.94 4.40 -66.23
CA LYS A 94 85.10 3.56 -67.08
C LYS A 94 84.21 2.61 -66.29
N ASP A 95 84.54 2.40 -65.02
CA ASP A 95 83.73 1.56 -64.14
C ASP A 95 83.28 2.33 -62.90
N ASP A 96 83.47 3.64 -62.92
CA ASP A 96 83.11 4.51 -61.80
C ASP A 96 81.84 5.27 -62.16
N LYS A 97 80.74 4.97 -61.47
CA LYS A 97 79.47 5.60 -61.79
C LYS A 97 79.54 7.12 -61.59
N CYS A 98 80.32 7.55 -60.59
CA CYS A 98 80.63 8.97 -60.43
C CYS A 98 82.14 9.17 -60.52
N PRO A 99 82.65 9.31 -61.74
CA PRO A 99 84.10 9.35 -62.02
C PRO A 99 84.80 10.54 -61.37
N ASP A 100 84.05 11.59 -61.05
CA ASP A 100 84.66 12.82 -60.56
C ASP A 100 84.51 13.02 -59.05
N VAL A 101 83.82 12.08 -58.39
CA VAL A 101 83.65 12.13 -56.95
C VAL A 101 83.94 10.77 -56.32
N ALA A 102 84.93 10.70 -55.45
CA ALA A 102 85.30 9.44 -54.79
C ALA A 102 84.12 8.83 -54.04
N GLY A 103 83.97 7.52 -54.15
CA GLY A 103 82.89 6.82 -53.49
C GLY A 103 83.18 5.35 -53.30
N PRO A 104 82.42 4.68 -52.42
CA PRO A 104 82.56 3.25 -52.12
C PRO A 104 82.28 2.37 -53.33
N ALA A 105 82.93 1.22 -53.40
CA ALA A 105 82.78 0.29 -54.51
C ALA A 105 81.37 -0.30 -54.58
N GLU A 106 80.75 -0.49 -53.42
CA GLU A 106 79.45 -1.13 -53.34
C GLU A 106 78.31 -0.22 -53.83
N ASN A 107 78.59 1.07 -53.93
CA ASN A 107 77.65 2.00 -54.55
C ASN A 107 78.16 2.41 -55.92
N GLY A 108 78.75 1.46 -56.62
CA GLY A 108 79.42 1.74 -57.88
C GLY A 108 80.71 2.47 -57.58
N GLY A 109 80.74 3.76 -57.90
CA GLY A 109 81.85 4.61 -57.51
C GLY A 109 81.33 5.95 -57.06
N CYS A 110 80.06 5.99 -56.68
CA CYS A 110 79.42 7.21 -56.20
C CYS A 110 79.31 7.19 -54.69
N PRO A 111 79.34 8.37 -54.06
CA PRO A 111 79.07 8.43 -52.62
C PRO A 111 77.59 8.14 -52.36
N TRP A 112 77.31 7.45 -51.25
CA TRP A 112 75.93 7.19 -50.87
C TRP A 112 75.13 8.49 -50.84
N PRO A 113 74.03 8.53 -51.60
CA PRO A 113 73.21 9.74 -51.73
C PRO A 113 72.32 10.00 -50.50
N ASP A 114 71.96 11.27 -50.31
CA ASP A 114 71.05 11.70 -49.25
C ASP A 114 70.02 12.62 -49.88
N THR A 115 68.94 12.05 -50.40
CA THR A 115 67.99 12.78 -51.23
C THR A 115 67.29 13.94 -50.54
N ASP A 116 66.62 13.67 -49.42
CA ASP A 116 65.92 14.71 -48.68
C ASP A 116 66.84 15.59 -47.83
N GLY A 117 68.12 15.23 -47.79
CA GLY A 117 69.11 16.03 -47.08
C GLY A 117 68.95 16.17 -45.57
N ASP A 118 68.43 15.14 -44.90
CA ASP A 118 68.34 15.16 -43.44
C ASP A 118 69.58 14.58 -42.76
N GLY A 119 70.60 14.25 -43.55
CA GLY A 119 71.84 13.73 -43.01
C GLY A 119 71.83 12.22 -42.81
N VAL A 120 70.68 11.59 -43.02
CA VAL A 120 70.58 10.14 -42.97
C VAL A 120 70.58 9.58 -44.39
N LEU A 121 71.62 8.81 -44.71
CA LEU A 121 71.80 8.26 -46.06
C LEU A 121 70.59 7.45 -46.51
N ASP A 122 70.30 7.50 -47.82
CA ASP A 122 69.14 6.82 -48.41
C ASP A 122 69.02 5.36 -47.97
N LYS A 123 70.16 4.68 -47.92
CA LYS A 123 70.19 3.27 -47.54
C LYS A 123 69.95 3.07 -46.04
N ASP A 124 69.94 4.17 -45.29
CA ASP A 124 69.68 4.13 -43.87
C ASP A 124 68.44 4.93 -43.50
N ASP A 125 67.87 5.61 -44.49
CA ASP A 125 66.72 6.49 -44.26
C ASP A 125 65.42 5.72 -44.45
N LEU A 126 64.72 5.48 -43.35
CA LEU A 126 63.46 4.75 -43.38
C LEU A 126 62.46 5.52 -44.24
N CYS A 127 62.50 6.84 -44.16
CA CYS A 127 61.73 7.71 -45.05
C CYS A 127 62.68 8.56 -45.89
N PRO A 128 63.14 8.00 -47.03
CA PRO A 128 64.16 8.61 -47.89
C PRO A 128 63.72 9.93 -48.56
N GLU A 129 62.42 10.18 -48.62
CA GLU A 129 61.90 11.33 -49.34
C GLU A 129 61.47 12.47 -48.42
N VAL A 130 61.35 12.17 -47.12
CA VAL A 130 60.89 13.17 -46.16
C VAL A 130 61.91 13.37 -45.03
N ALA A 131 62.31 14.63 -44.83
CA ALA A 131 63.27 15.00 -43.79
C ALA A 131 62.83 14.56 -42.40
N GLY A 132 63.72 13.88 -41.69
CA GLY A 132 63.46 13.45 -40.32
C GLY A 132 64.75 13.29 -39.54
N PRO A 133 64.67 13.34 -38.21
CA PRO A 133 65.86 13.19 -37.34
C PRO A 133 66.39 11.76 -37.36
N ALA A 134 67.69 11.61 -37.16
CA ALA A 134 68.34 10.31 -37.24
C ALA A 134 67.93 9.38 -36.09
N SER A 135 67.42 9.96 -35.00
CA SER A 135 66.93 9.18 -33.87
C SER A 135 65.64 8.45 -34.22
N ASN A 136 65.05 8.83 -35.35
CA ASN A 136 63.86 8.15 -35.86
C ASN A 136 64.14 7.58 -37.25
N LYS A 137 65.39 7.17 -37.46
CA LYS A 137 65.83 6.55 -38.71
C LYS A 137 65.50 7.37 -39.96
N GLY A 138 65.52 8.69 -39.82
CA GLY A 138 65.28 9.57 -40.95
C GLY A 138 63.82 9.82 -41.24
N CYS A 139 62.95 9.36 -40.34
CA CYS A 139 61.51 9.61 -40.47
C CYS A 139 61.09 10.79 -39.61
N PRO A 140 60.25 11.68 -40.17
CA PRO A 140 59.75 12.84 -39.43
C PRO A 140 58.82 12.40 -38.30
N GLU A 141 58.81 13.18 -37.23
CA GLU A 141 57.88 12.97 -36.14
C GLU A 141 57.49 14.34 -35.59
N PRO A 142 56.24 14.47 -35.11
CA PRO A 142 55.72 15.78 -34.69
C PRO A 142 56.54 16.42 -33.58
N ASP A 143 56.89 17.69 -33.76
CA ASP A 143 57.59 18.47 -32.75
C ASP A 143 56.65 18.85 -31.61
N GLU A 144 57.11 19.73 -30.72
CA GLU A 144 56.33 20.15 -29.56
C GLU A 144 55.05 20.89 -29.95
N LYS A 145 55.17 21.84 -30.88
CA LYS A 145 54.03 22.66 -31.24
C LYS A 145 52.98 21.90 -32.06
N GLU A 146 53.44 20.95 -32.87
CA GLU A 146 52.49 20.14 -33.64
C GLU A 146 51.77 19.11 -32.77
N GLN A 147 52.47 18.61 -31.75
CA GLN A 147 51.84 17.70 -30.80
C GLN A 147 50.70 18.41 -30.07
N LYS A 148 50.93 19.69 -29.77
CA LYS A 148 49.90 20.52 -29.15
C LYS A 148 48.75 20.74 -30.13
N GLN A 149 49.12 21.00 -31.38
CA GLN A 149 48.15 21.16 -32.48
C GLN A 149 47.28 19.91 -32.61
N LEU A 150 47.91 18.74 -32.54
CA LEU A 150 47.21 17.48 -32.67
C LEU A 150 46.23 17.27 -31.52
N ASN A 151 46.66 17.64 -30.31
CA ASN A 151 45.79 17.52 -29.14
C ASN A 151 44.69 18.60 -29.12
N GLN A 152 44.91 19.68 -29.86
CA GLN A 152 43.88 20.71 -30.02
C GLN A 152 42.73 20.18 -30.86
N TYR A 153 43.05 19.31 -31.82
CA TYR A 153 42.04 18.66 -32.63
C TYR A 153 41.27 17.65 -31.78
N ALA A 154 42.04 16.87 -31.00
CA ALA A 154 41.48 15.79 -30.19
C ALA A 154 40.54 16.31 -29.12
N LYS A 155 40.78 17.54 -28.67
CA LYS A 155 39.92 18.18 -27.70
C LYS A 155 38.51 18.33 -28.25
N THR A 156 38.41 18.53 -29.56
CA THR A 156 37.13 18.79 -30.22
C THR A 156 36.28 17.52 -30.40
N ILE A 157 36.89 16.35 -30.20
CA ILE A 157 36.15 15.10 -30.32
C ILE A 157 35.07 14.99 -29.25
N LEU A 158 33.81 14.97 -29.67
CA LEU A 158 32.69 14.98 -28.74
C LEU A 158 32.02 13.61 -28.63
N PHE A 159 31.57 13.28 -27.43
CA PHE A 159 30.84 12.03 -27.20
C PHE A 159 29.46 12.35 -26.65
N ASP A 160 28.54 11.40 -26.77
CA ASP A 160 27.25 11.53 -26.12
C ASP A 160 27.44 11.48 -24.61
N THR A 161 26.66 12.27 -23.89
CA THR A 161 26.79 12.38 -22.43
C THR A 161 26.71 11.02 -21.72
N GLY A 162 27.76 10.70 -20.97
CA GLY A 162 27.82 9.46 -20.22
C GLY A 162 28.07 8.23 -21.08
N LYS A 163 28.27 8.44 -22.38
CA LYS A 163 28.47 7.34 -23.31
C LYS A 163 29.77 7.49 -24.09
N ALA A 164 30.18 6.43 -24.77
CA ALA A 164 31.43 6.44 -25.52
C ALA A 164 31.21 6.57 -27.02
N THR A 165 29.97 6.84 -27.42
CA THR A 165 29.63 6.98 -28.82
C THR A 165 30.03 8.35 -29.35
N ILE A 166 30.85 8.35 -30.40
CA ILE A 166 31.31 9.59 -31.02
C ILE A 166 30.16 10.28 -31.74
N LYS A 167 29.95 11.56 -31.44
CA LYS A 167 28.91 12.33 -32.11
C LYS A 167 29.29 12.58 -33.56
N PHE A 168 28.30 12.60 -34.44
CA PHE A 168 28.52 12.72 -35.88
C PHE A 168 29.27 13.99 -36.27
N GLN A 169 29.00 15.08 -35.55
CA GLN A 169 29.56 16.39 -35.91
C GLN A 169 31.08 16.43 -35.82
N SER A 170 31.67 15.53 -35.03
CA SER A 170 33.11 15.53 -34.86
C SER A 170 33.81 14.58 -35.83
N ALA A 171 33.08 14.12 -36.84
CA ALA A 171 33.67 13.27 -37.86
C ALA A 171 34.67 14.06 -38.69
N GLU A 172 34.41 15.35 -38.83
CA GLU A 172 35.26 16.22 -39.65
C GLU A 172 36.63 16.41 -39.01
N VAL A 173 36.65 16.69 -37.71
CA VAL A 173 37.91 16.88 -37.01
C VAL A 173 38.69 15.57 -36.91
N LEU A 174 37.97 14.45 -36.87
CA LEU A 174 38.61 13.15 -36.79
C LEU A 174 39.37 12.81 -38.06
N ASN A 175 38.80 13.15 -39.21
CA ASN A 175 39.48 12.90 -40.48
C ASN A 175 40.70 13.80 -40.61
N GLN A 176 40.61 14.99 -40.04
CA GLN A 176 41.74 15.91 -39.96
C GLN A 176 42.84 15.28 -39.11
N ILE A 177 42.44 14.62 -38.03
CA ILE A 177 43.36 13.89 -37.16
C ILE A 177 44.00 12.71 -37.89
N ILE A 178 43.19 12.00 -38.68
CA ILE A 178 43.68 10.88 -39.48
C ILE A 178 44.78 11.31 -40.45
N ASN A 179 44.53 12.39 -41.18
CA ASN A 179 45.51 12.90 -42.13
C ASN A 179 46.82 13.33 -41.46
N VAL A 180 46.73 13.83 -40.23
CA VAL A 180 47.93 14.18 -39.48
C VAL A 180 48.72 12.92 -39.16
N LEU A 181 48.01 11.87 -38.75
CA LEU A 181 48.66 10.62 -38.40
C LEU A 181 49.16 9.87 -39.63
N LYS A 182 48.50 10.06 -40.77
CA LYS A 182 48.96 9.49 -42.03
C LYS A 182 50.28 10.14 -42.46
N LYS A 183 50.49 11.37 -41.99
CA LYS A 183 51.71 12.12 -42.27
C LYS A 183 52.90 11.50 -41.51
N TYR A 184 52.60 10.71 -40.49
CA TYR A 184 53.64 10.01 -39.73
C TYR A 184 53.41 8.50 -39.69
N PRO A 185 53.62 7.83 -40.83
CA PRO A 185 53.32 6.40 -40.96
C PRO A 185 54.09 5.52 -39.98
N ASN A 186 55.35 5.87 -39.70
CA ASN A 186 56.20 5.01 -38.87
C ASN A 186 56.11 5.27 -37.37
N SER A 187 55.39 6.31 -36.98
CA SER A 187 55.22 6.64 -35.58
C SER A 187 54.02 5.92 -34.96
N ARG A 188 54.11 5.65 -33.65
CA ARG A 188 53.00 5.05 -32.93
C ARG A 188 52.39 6.08 -31.98
N PHE A 189 51.09 5.96 -31.74
CA PHE A 189 50.36 6.97 -30.96
C PHE A 189 49.49 6.37 -29.88
N ARG A 190 49.48 7.02 -28.72
CA ARG A 190 48.63 6.60 -27.62
C ARG A 190 47.37 7.46 -27.57
N ILE A 191 46.22 6.83 -27.79
CA ILE A 191 44.93 7.50 -27.68
C ILE A 191 44.50 7.51 -26.21
N GLU A 192 44.31 8.70 -25.64
CA GLU A 192 44.07 8.83 -24.21
C GLU A 192 42.70 9.42 -23.89
N GLY A 193 41.98 8.78 -22.98
CA GLY A 193 40.68 9.29 -22.56
C GLY A 193 40.78 9.91 -21.18
N HIS A 194 40.41 11.18 -21.06
CA HIS A 194 40.49 11.89 -19.77
C HIS A 194 39.16 12.50 -19.33
N THR A 195 38.86 12.37 -18.04
CA THR A 195 37.69 12.98 -17.43
C THR A 195 38.13 13.92 -16.32
N ASP A 196 37.16 14.60 -15.70
CA ASP A 196 37.44 15.38 -14.48
C ASP A 196 37.25 14.51 -13.25
N SER A 197 37.45 15.08 -12.07
CA SER A 197 37.33 14.32 -10.82
C SER A 197 35.91 14.27 -10.27
N THR A 198 34.96 14.79 -11.04
CA THR A 198 33.56 14.79 -10.61
C THR A 198 32.93 13.41 -10.75
N GLY A 199 32.27 12.95 -9.70
CA GLY A 199 31.54 11.69 -9.74
C GLY A 199 32.34 10.50 -9.25
N LYS A 200 32.02 9.33 -9.79
CA LYS A 200 32.72 8.11 -9.42
C LYS A 200 33.94 7.93 -10.32
N LYS A 201 35.11 7.80 -9.71
CA LYS A 201 36.34 7.57 -10.47
C LYS A 201 36.29 6.25 -11.23
N ALA A 202 35.76 5.21 -10.58
CA ALA A 202 35.68 3.88 -11.19
C ALA A 202 34.92 3.89 -12.50
N LYS A 203 33.81 4.63 -12.51
CA LYS A 203 32.99 4.76 -13.69
C LYS A 203 33.69 5.59 -14.76
N ASN A 204 34.47 6.58 -14.34
CA ASN A 204 35.20 7.42 -15.29
C ASN A 204 36.38 6.70 -15.94
N MET A 205 36.99 5.77 -15.20
CA MET A 205 38.05 4.95 -15.78
C MET A 205 37.47 4.13 -16.93
N ILE A 206 36.36 3.44 -16.69
CA ILE A 206 35.70 2.64 -17.71
C ILE A 206 35.26 3.49 -18.88
N LEU A 207 34.61 4.61 -18.58
CA LEU A 207 34.13 5.53 -19.62
C LEU A 207 35.27 6.06 -20.49
N SER A 208 36.33 6.55 -19.87
CA SER A 208 37.43 7.10 -20.64
C SER A 208 38.13 6.03 -21.48
N GLN A 209 38.19 4.79 -20.96
CA GLN A 209 38.77 3.70 -21.74
C GLN A 209 37.90 3.41 -22.96
N ASN A 210 36.60 3.29 -22.72
CA ASN A 210 35.63 3.08 -23.78
C ASN A 210 35.70 4.17 -24.85
N ARG A 211 35.91 5.41 -24.42
CA ARG A 211 36.02 6.53 -25.36
C ARG A 211 37.31 6.49 -26.14
N ALA A 212 38.41 6.13 -25.46
CA ALA A 212 39.70 5.98 -26.14
C ALA A 212 39.60 4.86 -27.16
N ASP A 213 39.04 3.72 -26.74
CA ASP A 213 38.79 2.61 -27.64
C ASP A 213 38.00 3.08 -28.87
N ALA A 214 36.96 3.88 -28.64
CA ALA A 214 36.11 4.35 -29.73
C ALA A 214 36.89 5.16 -30.77
N VAL A 215 37.77 6.03 -30.29
CA VAL A 215 38.57 6.88 -31.17
C VAL A 215 39.57 6.06 -31.97
N LYS A 216 40.20 5.09 -31.30
CA LYS A 216 41.08 4.14 -31.96
C LYS A 216 40.35 3.42 -33.10
N VAL A 217 39.16 2.91 -32.80
CA VAL A 217 38.34 2.24 -33.82
C VAL A 217 38.09 3.13 -35.03
N TYR A 218 37.80 4.41 -34.80
CA TYR A 218 37.53 5.33 -35.89
C TYR A 218 38.77 5.55 -36.76
N LEU A 219 39.94 5.65 -36.13
CA LEU A 219 41.19 5.90 -36.85
C LEU A 219 41.58 4.69 -37.69
N ILE A 220 41.38 3.49 -37.15
CA ILE A 220 41.63 2.24 -37.86
C ILE A 220 40.81 2.14 -39.15
N GLN A 221 39.51 2.45 -39.06
CA GLN A 221 38.65 2.41 -40.25
C GLN A 221 38.99 3.55 -41.21
N GLY A 222 39.73 4.54 -40.72
CA GLY A 222 40.14 5.67 -41.53
C GLY A 222 41.47 5.43 -42.23
N GLY A 223 42.07 4.27 -42.01
CA GLY A 223 43.30 3.91 -42.68
C GLY A 223 44.46 3.57 -41.77
N ILE A 224 44.48 4.13 -40.56
CA ILE A 224 45.59 3.94 -39.64
C ILE A 224 45.70 2.50 -39.13
N ASP A 225 46.89 1.91 -39.25
CA ASP A 225 47.12 0.53 -38.81
C ASP A 225 46.90 0.35 -37.32
N ALA A 226 46.15 -0.68 -36.96
CA ALA A 226 45.79 -0.96 -35.58
C ALA A 226 47.00 -1.10 -34.67
N GLY A 227 48.05 -1.71 -35.19
CA GLY A 227 49.27 -1.92 -34.42
C GLY A 227 49.96 -0.63 -34.01
N ARG A 228 49.66 0.46 -34.73
CA ARG A 228 50.30 1.74 -34.46
C ARG A 228 49.63 2.51 -33.34
N LEU A 229 48.50 2.01 -32.87
CA LEU A 229 47.67 2.74 -31.91
C LEU A 229 47.51 2.02 -30.58
N GLU A 230 47.53 2.79 -29.50
CA GLU A 230 47.29 2.25 -28.18
C GLU A 230 46.21 3.09 -27.49
N SER A 231 45.17 2.43 -27.00
CA SER A 231 44.07 3.16 -26.33
C SER A 231 44.11 2.98 -24.81
N GLN A 232 44.05 4.09 -24.09
CA GLN A 232 44.16 4.06 -22.64
C GLN A 232 43.24 5.07 -21.96
N GLY A 233 42.40 4.58 -21.05
CA GLY A 233 41.56 5.43 -20.23
C GLY A 233 42.32 5.89 -19.00
N PHE A 234 42.34 7.20 -18.77
CA PHE A 234 43.03 7.75 -17.61
C PHE A 234 42.08 8.17 -16.49
N GLY A 235 40.81 8.36 -16.81
CA GLY A 235 39.89 8.95 -15.84
C GLY A 235 40.42 10.33 -15.46
N PRO A 236 40.38 10.65 -14.16
CA PRO A 236 40.84 11.96 -13.67
C PRO A 236 42.30 11.91 -13.24
N GLU A 237 43.03 10.90 -13.68
CA GLU A 237 44.39 10.66 -13.18
C GLU A 237 45.46 11.58 -13.75
N LYS A 238 45.12 12.37 -14.76
CA LYS A 238 46.09 13.28 -15.36
C LYS A 238 45.50 14.64 -15.73
N PRO A 239 45.14 15.45 -14.73
CA PRO A 239 44.56 16.77 -14.99
C PRO A 239 45.57 17.76 -15.57
N ILE A 240 45.08 18.67 -16.39
CA ILE A 240 45.90 19.75 -16.91
C ILE A 240 45.45 21.07 -16.28
N ALA A 241 44.28 21.04 -15.64
CA ALA A 241 43.75 22.21 -14.97
C ALA A 241 43.14 21.82 -13.61
N SER A 242 42.81 22.82 -12.81
CA SER A 242 42.16 22.58 -11.52
C SER A 242 40.80 21.93 -11.70
N ASN A 243 40.40 21.12 -10.74
CA ASN A 243 39.07 20.52 -10.73
C ASN A 243 38.11 21.24 -9.77
N LYS A 244 38.56 22.38 -9.22
CA LYS A 244 37.76 23.10 -8.24
C LYS A 244 36.92 24.22 -8.86
N ASN A 245 36.84 24.24 -10.18
CA ASN A 245 35.97 25.18 -10.88
C ASN A 245 35.57 24.63 -12.26
N LYS A 246 34.48 25.18 -12.80
CA LYS A 246 33.90 24.67 -14.04
C LYS A 246 34.82 24.71 -15.25
N LYS A 247 35.47 25.86 -15.47
CA LYS A 247 36.36 26.01 -16.63
C LYS A 247 37.54 25.04 -16.57
N GLY A 248 38.02 24.76 -15.37
CA GLY A 248 39.10 23.81 -15.18
C GLY A 248 38.68 22.38 -15.48
N ARG A 249 37.50 21.99 -14.99
CA ARG A 249 36.98 20.66 -15.24
C ARG A 249 36.76 20.43 -16.73
N GLU A 250 36.27 21.46 -17.43
CA GLU A 250 36.01 21.36 -18.85
C GLU A 250 37.32 21.09 -19.60
N LEU A 251 38.40 21.71 -19.14
CA LEU A 251 39.72 21.48 -19.73
C LEU A 251 40.20 20.05 -19.47
N ASN A 252 39.87 19.50 -18.30
CA ASN A 252 40.29 18.15 -17.95
C ASN A 252 39.53 17.04 -18.69
N ARG A 253 38.31 17.33 -19.13
CA ARG A 253 37.55 16.40 -19.95
C ARG A 253 38.05 16.51 -21.39
N ARG A 254 38.77 15.49 -21.85
CA ARG A 254 39.44 15.58 -23.13
C ARG A 254 39.93 14.23 -23.63
N VAL A 255 40.16 14.16 -24.94
CA VAL A 255 40.90 13.06 -25.53
C VAL A 255 42.25 13.62 -25.96
N GLU A 256 43.32 12.88 -25.69
CA GLU A 256 44.62 13.24 -26.23
C GLU A 256 45.14 12.16 -27.18
N ILE A 257 45.94 12.58 -28.14
CA ILE A 257 46.57 11.65 -29.07
C ILE A 257 48.05 11.98 -29.09
N ASN A 258 48.80 11.26 -28.26
CA ASN A 258 50.20 11.58 -28.02
C ASN A 258 51.17 10.59 -28.66
N LEU A 259 52.25 11.14 -29.22
CA LEU A 259 53.32 10.33 -29.81
C LEU A 259 53.93 9.41 -28.77
N ILE A 260 54.04 8.13 -29.09
CA ILE A 260 54.76 7.21 -28.20
C ILE A 260 56.25 7.24 -28.56
N LYS A 261 57.08 7.61 -27.58
CA LYS A 261 58.51 7.74 -27.83
C LYS A 261 59.26 6.43 -27.56
N ASP B 4 -43.61 29.95 19.89
CA ASP B 4 -42.99 28.65 19.69
C ASP B 4 -42.99 28.28 18.21
N THR B 5 -41.93 28.62 17.50
CA THR B 5 -41.83 28.36 16.07
C THR B 5 -41.50 26.89 15.78
N ASP B 6 -40.38 26.42 16.32
CA ASP B 6 -39.93 25.05 16.11
C ASP B 6 -40.73 24.04 16.93
N LYS B 7 -41.59 24.56 17.81
CA LYS B 7 -42.48 23.74 18.65
C LYS B 7 -41.74 22.70 19.48
N ASP B 8 -40.71 23.12 20.20
CA ASP B 8 -39.98 22.22 21.09
C ASP B 8 -40.44 22.37 22.54
N GLY B 9 -41.53 23.12 22.74
CA GLY B 9 -42.06 23.34 24.07
C GLY B 9 -41.54 24.62 24.69
N ILE B 10 -40.45 25.13 24.16
CA ILE B 10 -39.88 26.40 24.62
C ILE B 10 -40.29 27.53 23.68
N PRO B 11 -41.14 28.45 24.16
CA PRO B 11 -41.63 29.57 23.34
C PRO B 11 -40.50 30.46 22.83
N ASP B 12 -40.77 31.22 21.76
CA ASP B 12 -39.74 32.02 21.10
C ASP B 12 -39.06 33.03 22.02
N ASN B 13 -39.84 33.62 22.93
CA ASN B 13 -39.33 34.64 23.83
C ASN B 13 -38.34 34.11 24.87
N LYS B 14 -38.25 32.79 25.00
CA LYS B 14 -37.31 32.16 25.92
C LYS B 14 -36.48 31.07 25.26
N ASP B 15 -36.63 30.94 23.94
CA ASP B 15 -35.87 29.97 23.15
C ASP B 15 -34.61 30.65 22.62
N ALA B 16 -33.45 30.24 23.13
CA ALA B 16 -32.18 30.81 22.68
C ALA B 16 -31.91 30.44 21.22
N CYS B 17 -32.60 29.41 20.75
CA CYS B 17 -32.55 29.01 19.35
C CYS B 17 -33.98 28.82 18.86
N PRO B 18 -34.60 29.89 18.36
CA PRO B 18 -36.02 29.91 17.98
C PRO B 18 -36.34 28.98 16.81
N GLU B 19 -35.41 28.87 15.86
CA GLU B 19 -35.64 28.07 14.66
C GLU B 19 -35.22 26.61 14.85
N VAL B 20 -34.30 26.37 15.78
CA VAL B 20 -33.78 25.03 16.01
C VAL B 20 -34.38 24.36 17.24
N PRO B 21 -35.02 23.19 17.05
CA PRO B 21 -35.60 22.42 18.17
C PRO B 21 -34.53 22.05 19.20
N GLY B 22 -34.82 22.29 20.47
CA GLY B 22 -33.84 22.04 21.51
C GLY B 22 -34.41 21.53 22.82
N LEU B 23 -33.52 21.03 23.67
CA LEU B 23 -33.92 20.50 24.97
C LEU B 23 -34.34 21.63 25.92
N LYS B 24 -35.08 21.26 26.96
CA LYS B 24 -35.63 22.23 27.90
C LYS B 24 -34.54 23.04 28.60
N GLU B 25 -33.86 22.43 29.56
CA GLU B 25 -32.90 23.15 30.40
C GLU B 25 -31.57 23.46 29.70
N PHE B 26 -31.64 23.70 28.39
CA PHE B 26 -30.51 24.20 27.63
C PHE B 26 -30.95 25.43 26.84
N ASN B 27 -31.95 26.13 27.37
CA ASN B 27 -32.52 27.34 26.77
C ASN B 27 -33.14 27.10 25.39
N GLY B 28 -33.72 25.92 25.19
CA GLY B 28 -34.33 25.58 23.92
C GLY B 28 -33.30 25.26 22.84
N CYS B 29 -32.10 24.87 23.27
CA CYS B 29 -31.03 24.53 22.34
C CYS B 29 -30.71 23.04 22.37
N PRO B 30 -30.32 22.48 21.21
CA PRO B 30 -30.11 21.03 21.10
C PRO B 30 -28.75 20.54 21.61
N ASP B 31 -28.76 19.39 22.27
CA ASP B 31 -27.55 18.66 22.63
C ASP B 31 -27.58 17.34 21.89
N THR B 32 -27.17 17.38 20.62
CA THR B 32 -27.28 16.25 19.70
C THR B 32 -26.60 14.98 20.21
N ASP B 33 -25.36 15.09 20.67
CA ASP B 33 -24.62 13.92 21.14
C ASP B 33 -24.84 13.64 22.62
N GLY B 34 -25.61 14.51 23.27
CA GLY B 34 -25.94 14.34 24.68
C GLY B 34 -24.75 14.33 25.64
N ASP B 35 -23.74 15.14 25.35
CA ASP B 35 -22.58 15.19 26.24
C ASP B 35 -22.68 16.30 27.28
N GLY B 36 -23.77 17.07 27.22
CA GLY B 36 -24.00 18.14 28.18
C GLY B 36 -23.57 19.50 27.66
N ILE B 37 -23.08 19.53 26.43
CA ILE B 37 -22.63 20.77 25.81
C ILE B 37 -23.40 21.04 24.51
N PRO B 38 -24.13 22.16 24.47
CA PRO B 38 -25.00 22.52 23.34
C PRO B 38 -24.23 22.61 22.03
N ASP B 39 -24.89 22.36 20.91
CA ASP B 39 -24.25 22.37 19.60
C ASP B 39 -23.55 23.69 19.30
N LYS B 40 -24.09 24.78 19.85
CA LYS B 40 -23.53 26.11 19.65
C LYS B 40 -22.20 26.29 20.38
N ASP B 41 -21.94 25.45 21.37
CA ASP B 41 -20.71 25.52 22.15
C ASP B 41 -19.94 24.21 22.09
N ASP B 42 -20.42 23.29 21.27
CA ASP B 42 -19.78 21.99 21.10
C ASP B 42 -18.93 21.99 19.83
N ALA B 43 -17.61 22.01 20.01
CA ALA B 43 -16.68 22.03 18.88
C ALA B 43 -16.73 20.71 18.11
N CYS B 44 -17.32 19.70 18.73
CA CYS B 44 -17.59 18.42 18.10
C CYS B 44 -19.00 17.98 18.50
N PRO B 45 -20.02 18.53 17.81
CA PRO B 45 -21.43 18.40 18.20
C PRO B 45 -22.03 17.02 17.92
N GLN B 46 -21.29 16.17 17.22
CA GLN B 46 -21.78 14.83 16.91
C GLN B 46 -21.08 13.76 17.74
N VAL B 47 -20.06 14.17 18.50
CA VAL B 47 -19.27 13.25 19.30
C VAL B 47 -19.18 13.70 20.76
N LYS B 48 -19.45 12.79 21.69
CA LYS B 48 -19.32 13.10 23.11
C LYS B 48 -17.88 13.43 23.46
N GLY B 49 -17.70 14.51 24.21
CA GLY B 49 -16.37 14.93 24.65
C GLY B 49 -16.47 15.74 25.92
N PRO B 50 -15.37 15.80 26.70
CA PRO B 50 -15.32 16.54 27.95
C PRO B 50 -15.38 18.05 27.72
N LYS B 51 -15.85 18.77 28.74
CA LYS B 51 -15.97 20.22 28.70
C LYS B 51 -14.58 20.87 28.61
N GLU B 52 -13.57 20.15 29.08
CA GLU B 52 -12.19 20.62 29.00
C GLU B 52 -11.78 20.93 27.56
N PHE B 53 -12.27 20.12 26.62
CA PHE B 53 -11.94 20.31 25.21
C PHE B 53 -13.16 20.78 24.43
N ASN B 54 -14.10 21.40 25.15
CA ASN B 54 -15.30 21.98 24.55
C ASN B 54 -16.18 21.00 23.79
N GLY B 55 -16.29 19.77 24.31
CA GLY B 55 -17.16 18.77 23.74
C GLY B 55 -16.48 17.85 22.76
N CYS B 56 -15.15 17.94 22.71
CA CYS B 56 -14.38 17.08 21.82
C CYS B 56 -13.65 16.01 22.61
N PRO B 57 -13.76 14.76 22.16
CA PRO B 57 -13.13 13.62 22.85
C PRO B 57 -11.61 13.58 22.68
N ASP B 58 -10.92 13.03 23.68
CA ASP B 58 -9.49 12.79 23.64
C ASP B 58 -9.27 11.32 23.97
N THR B 59 -9.48 10.47 22.98
CA THR B 59 -9.48 9.02 23.15
C THR B 59 -8.21 8.44 23.78
N ASP B 60 -7.04 8.78 23.23
CA ASP B 60 -5.78 8.24 23.73
C ASP B 60 -5.27 8.98 24.97
N GLY B 61 -5.97 10.05 25.35
CA GLY B 61 -5.63 10.80 26.55
C GLY B 61 -4.29 11.53 26.53
N ASP B 62 -3.82 11.92 25.36
CA ASP B 62 -2.53 12.61 25.29
C ASP B 62 -2.67 14.13 25.42
N GLY B 63 -3.90 14.60 25.59
CA GLY B 63 -4.15 16.01 25.77
C GLY B 63 -4.51 16.70 24.46
N ILE B 64 -4.40 15.96 23.36
CA ILE B 64 -4.76 16.49 22.06
C ILE B 64 -6.00 15.80 21.52
N PRO B 65 -7.12 16.55 21.44
CA PRO B 65 -8.41 15.99 21.03
C PRO B 65 -8.32 15.29 19.67
N ASP B 66 -9.20 14.31 19.46
CA ASP B 66 -9.17 13.46 18.28
C ASP B 66 -9.11 14.24 16.97
N LYS B 67 -9.94 15.28 16.87
CA LYS B 67 -10.03 16.08 15.64
C LYS B 67 -8.71 16.78 15.28
N ASP B 68 -7.80 16.90 16.25
CA ASP B 68 -6.51 17.55 16.01
C ASP B 68 -5.35 16.58 16.23
N ASP B 69 -5.67 15.32 16.48
CA ASP B 69 -4.67 14.32 16.77
C ASP B 69 -4.31 13.55 15.49
N ALA B 70 -3.09 13.72 15.02
CA ALA B 70 -2.63 13.01 13.81
C ALA B 70 -2.62 11.50 14.04
N CYS B 71 -2.37 11.09 15.27
CA CYS B 71 -2.52 9.68 15.67
C CYS B 71 -3.51 9.59 16.83
N PRO B 72 -4.81 9.66 16.55
CA PRO B 72 -5.86 9.81 17.56
C PRO B 72 -6.02 8.64 18.52
N GLU B 73 -5.47 7.47 18.19
CA GLU B 73 -5.59 6.30 19.07
C GLU B 73 -4.28 5.94 19.78
N VAL B 74 -3.20 6.62 19.40
CA VAL B 74 -1.90 6.41 20.04
C VAL B 74 -1.40 7.69 20.69
N ALA B 75 -1.14 7.66 21.99
CA ALA B 75 -0.68 8.85 22.70
C ALA B 75 0.68 9.31 22.19
N GLY B 76 0.82 10.63 22.01
CA GLY B 76 2.07 11.20 21.55
C GLY B 76 2.17 12.68 21.88
N PRO B 77 3.40 13.20 21.97
CA PRO B 77 3.66 14.60 22.28
C PRO B 77 3.18 15.53 21.15
N LYS B 78 3.21 16.83 21.40
CA LYS B 78 2.69 17.81 20.45
C LYS B 78 3.68 18.13 19.32
N GLU B 79 4.90 17.64 19.43
CA GLU B 79 5.92 17.86 18.40
C GLU B 79 5.47 17.25 17.07
N PHE B 80 4.88 16.06 17.13
CA PHE B 80 4.38 15.40 15.94
C PHE B 80 2.86 15.29 15.97
N ASN B 81 2.22 16.32 16.54
CA ASN B 81 0.76 16.41 16.59
C ASN B 81 0.10 15.19 17.19
N GLY B 82 0.65 14.69 18.30
CA GLY B 82 0.06 13.56 18.99
C GLY B 82 0.54 12.21 18.50
N CYS B 83 1.57 12.20 17.66
CA CYS B 83 2.20 10.96 17.21
C CYS B 83 3.52 10.75 17.94
N PRO B 84 3.75 9.52 18.44
CA PRO B 84 4.96 9.18 19.18
C PRO B 84 6.14 8.84 18.27
N ASP B 85 7.36 9.15 18.72
CA ASP B 85 8.58 8.79 18.01
C ASP B 85 9.32 7.74 18.84
N THR B 86 8.95 6.48 18.64
CA THR B 86 9.43 5.37 19.45
C THR B 86 10.96 5.21 19.51
N ASP B 87 11.62 5.11 18.36
CA ASP B 87 13.07 4.91 18.35
C ASP B 87 13.84 6.20 18.49
N GLY B 88 13.11 7.31 18.57
CA GLY B 88 13.71 8.61 18.83
C GLY B 88 14.58 9.18 17.72
N ASP B 89 14.33 8.79 16.47
CA ASP B 89 15.16 9.29 15.36
C ASP B 89 14.60 10.54 14.70
N GLY B 90 13.53 11.10 15.28
CA GLY B 90 12.95 12.32 14.76
C GLY B 90 11.87 12.07 13.72
N ILE B 91 11.61 10.81 13.41
CA ILE B 91 10.53 10.47 12.50
C ILE B 91 9.49 9.63 13.23
N PRO B 92 8.28 10.19 13.42
CA PRO B 92 7.19 9.51 14.15
C PRO B 92 6.84 8.17 13.51
N ASP B 93 6.36 7.25 14.34
CA ASP B 93 6.00 5.89 13.92
C ASP B 93 5.21 5.79 12.62
N LYS B 94 4.22 6.66 12.45
CA LYS B 94 3.33 6.60 11.29
C LYS B 94 4.06 6.89 9.97
N ASP B 95 5.22 7.51 10.06
CA ASP B 95 5.99 7.86 8.88
C ASP B 95 7.38 7.21 8.90
N ASP B 96 7.63 6.39 9.91
CA ASP B 96 8.90 5.69 10.07
C ASP B 96 8.77 4.27 9.51
N LYS B 97 9.42 4.01 8.38
CA LYS B 97 9.38 2.68 7.76
C LYS B 97 9.94 1.60 8.68
N CYS B 98 10.91 1.98 9.51
CA CYS B 98 11.37 1.12 10.59
C CYS B 98 11.16 1.83 11.92
N PRO B 99 9.96 1.70 12.50
CA PRO B 99 9.52 2.40 13.71
C PRO B 99 10.41 2.13 14.93
N ASP B 100 11.00 0.94 15.00
CA ASP B 100 11.76 0.57 16.19
C ASP B 100 13.27 0.66 16.00
N VAL B 101 13.69 1.08 14.81
CA VAL B 101 15.12 1.21 14.52
C VAL B 101 15.46 2.60 13.97
N ALA B 102 16.29 3.33 14.70
CA ALA B 102 16.64 4.69 14.30
C ALA B 102 17.33 4.70 12.94
N GLY B 103 16.89 5.62 12.08
CA GLY B 103 17.43 5.73 10.74
C GLY B 103 17.21 7.12 10.16
N PRO B 104 18.00 7.48 9.13
CA PRO B 104 17.89 8.78 8.47
C PRO B 104 16.60 8.92 7.68
N ALA B 105 16.13 10.16 7.53
CA ALA B 105 14.87 10.42 6.83
C ALA B 105 14.97 10.13 5.33
N GLU B 106 16.18 10.16 4.80
CA GLU B 106 16.43 9.91 3.39
C GLU B 106 16.14 8.46 3.02
N ASN B 107 16.09 7.59 4.02
CA ASN B 107 15.77 6.18 3.82
C ASN B 107 14.55 5.79 4.65
N GLY B 108 13.66 6.76 4.87
CA GLY B 108 12.39 6.52 5.53
C GLY B 108 12.45 6.11 6.98
N GLY B 109 13.47 6.57 7.70
CA GLY B 109 13.64 6.20 9.09
C GLY B 109 14.26 4.83 9.28
N CYS B 110 14.75 4.26 8.19
CA CYS B 110 15.47 2.98 8.23
C CYS B 110 16.96 3.21 7.99
N PRO B 111 17.81 2.49 8.74
CA PRO B 111 19.25 2.63 8.52
C PRO B 111 19.61 2.08 7.15
N TRP B 112 20.53 2.76 6.47
CA TRP B 112 21.01 2.29 5.18
C TRP B 112 21.57 0.88 5.34
N PRO B 113 21.08 -0.05 4.52
CA PRO B 113 21.52 -1.45 4.59
C PRO B 113 22.99 -1.63 4.15
N ASP B 114 23.72 -2.47 4.88
CA ASP B 114 25.07 -2.88 4.51
C ASP B 114 25.12 -4.39 4.60
N THR B 115 24.74 -5.06 3.51
CA THR B 115 24.53 -6.50 3.51
C THR B 115 25.72 -7.34 4.00
N ASP B 116 26.90 -7.07 3.46
CA ASP B 116 28.09 -7.85 3.82
C ASP B 116 28.83 -7.25 5.02
N GLY B 117 28.33 -6.12 5.51
CA GLY B 117 28.90 -5.48 6.67
C GLY B 117 30.34 -5.00 6.54
N ASP B 118 30.76 -4.67 5.32
CA ASP B 118 32.11 -4.16 5.13
C ASP B 118 32.21 -2.64 5.31
N GLY B 119 31.11 -2.01 5.70
CA GLY B 119 31.12 -0.57 5.93
C GLY B 119 30.67 0.23 4.73
N VAL B 120 30.86 -0.32 3.54
CA VAL B 120 30.36 0.30 2.31
C VAL B 120 28.90 -0.08 2.09
N LEU B 121 28.01 0.90 2.22
CA LEU B 121 26.57 0.69 2.10
C LEU B 121 26.20 0.13 0.74
N ASP B 122 25.06 -0.57 0.68
CA ASP B 122 24.60 -1.22 -0.54
C ASP B 122 24.48 -0.25 -1.71
N LYS B 123 24.10 1.00 -1.43
CA LYS B 123 23.98 2.02 -2.47
C LYS B 123 25.33 2.52 -2.99
N ASP B 124 26.42 1.95 -2.46
CA ASP B 124 27.75 2.30 -2.94
C ASP B 124 28.66 1.08 -3.11
N ASP B 125 28.16 -0.09 -2.70
CA ASP B 125 28.94 -1.32 -2.75
C ASP B 125 28.69 -2.07 -4.05
N LEU B 126 29.62 -1.99 -4.99
CA LEU B 126 29.47 -2.67 -6.27
C LEU B 126 29.53 -4.19 -6.10
N CYS B 127 30.09 -4.63 -4.97
CA CYS B 127 30.05 -6.04 -4.58
C CYS B 127 29.32 -6.14 -3.25
N PRO B 128 27.99 -6.00 -3.27
CA PRO B 128 27.17 -5.82 -2.07
C PRO B 128 27.18 -7.02 -1.14
N GLU B 129 27.40 -8.21 -1.68
CA GLU B 129 27.35 -9.43 -0.88
C GLU B 129 28.73 -10.06 -0.64
N VAL B 130 29.78 -9.31 -0.95
CA VAL B 130 31.15 -9.79 -0.72
C VAL B 130 32.02 -8.71 -0.08
N ALA B 131 32.52 -8.99 1.12
CA ALA B 131 33.33 -8.01 1.86
C ALA B 131 34.55 -7.60 1.06
N GLY B 132 34.81 -6.30 1.03
CA GLY B 132 35.97 -5.77 0.33
C GLY B 132 36.48 -4.51 0.99
N PRO B 133 37.75 -4.17 0.72
CA PRO B 133 38.38 -2.96 1.27
C PRO B 133 37.66 -1.69 0.85
N ALA B 134 37.67 -0.68 1.71
CA ALA B 134 37.03 0.58 1.39
C ALA B 134 37.81 1.31 0.30
N SER B 135 39.09 0.99 0.20
CA SER B 135 39.94 1.55 -0.85
C SER B 135 39.44 1.13 -2.22
N ASN B 136 39.05 -0.14 -2.34
CA ASN B 136 38.42 -0.65 -3.56
C ASN B 136 36.90 -0.60 -3.44
N LYS B 137 36.45 0.09 -2.39
CA LYS B 137 35.03 0.38 -2.19
C LYS B 137 34.13 -0.86 -2.16
N GLY B 138 34.36 -1.72 -1.17
CA GLY B 138 33.49 -2.87 -0.95
C GLY B 138 33.75 -4.06 -1.85
N CYS B 139 34.65 -3.90 -2.81
CA CYS B 139 35.02 -5.00 -3.71
C CYS B 139 36.41 -5.54 -3.39
N PRO B 140 36.58 -6.87 -3.47
CA PRO B 140 37.87 -7.49 -3.20
C PRO B 140 38.86 -7.31 -4.36
N GLU B 141 40.14 -7.28 -4.05
CA GLU B 141 41.20 -7.19 -5.06
C GLU B 141 42.02 -8.48 -5.12
N PRO B 142 42.64 -8.76 -6.27
CA PRO B 142 43.55 -9.92 -6.30
C PRO B 142 44.83 -9.63 -5.53
N ASP B 143 45.23 -10.55 -4.66
CA ASP B 143 46.47 -10.40 -3.90
C ASP B 143 47.66 -10.76 -4.78
N GLU B 144 48.86 -10.66 -4.22
CA GLU B 144 50.09 -10.88 -4.99
C GLU B 144 50.15 -12.26 -5.63
N LYS B 145 49.75 -13.28 -4.87
CA LYS B 145 49.82 -14.66 -5.34
C LYS B 145 48.89 -14.95 -6.52
N GLU B 146 47.74 -14.28 -6.56
CA GLU B 146 46.79 -14.49 -7.63
C GLU B 146 47.16 -13.66 -8.86
N GLN B 147 47.84 -12.54 -8.64
CA GLN B 147 48.34 -11.75 -9.75
C GLN B 147 49.41 -12.54 -10.50
N LYS B 148 50.30 -13.18 -9.75
CA LYS B 148 51.30 -14.05 -10.33
C LYS B 148 50.65 -15.26 -10.99
N GLN B 149 49.59 -15.78 -10.37
CA GLN B 149 48.83 -16.88 -10.93
C GLN B 149 48.24 -16.45 -12.27
N LEU B 150 47.75 -15.23 -12.30
CA LEU B 150 47.15 -14.66 -13.50
C LEU B 150 48.17 -14.57 -14.65
N ASN B 151 49.41 -14.24 -14.32
CA ASN B 151 50.45 -14.13 -15.33
C ASN B 151 51.02 -15.50 -15.70
N GLN B 152 50.84 -16.47 -14.83
CA GLN B 152 51.27 -17.83 -15.09
C GLN B 152 50.38 -18.46 -16.16
N TYR B 153 49.10 -18.09 -16.16
CA TYR B 153 48.17 -18.52 -17.19
C TYR B 153 48.50 -17.84 -18.52
N ALA B 154 48.79 -16.55 -18.44
CA ALA B 154 48.92 -15.71 -19.63
C ALA B 154 50.16 -16.04 -20.46
N LYS B 155 51.17 -16.64 -19.84
CA LYS B 155 52.38 -16.97 -20.60
C LYS B 155 52.23 -18.31 -21.33
N THR B 156 51.09 -18.96 -21.13
CA THR B 156 50.75 -20.20 -21.81
C THR B 156 49.96 -19.87 -23.08
N ILE B 157 49.55 -18.62 -23.20
CA ILE B 157 48.80 -18.17 -24.37
C ILE B 157 49.65 -18.27 -25.64
N LEU B 158 49.09 -18.93 -26.65
CA LEU B 158 49.84 -19.19 -27.88
C LEU B 158 49.29 -18.45 -29.10
N PHE B 159 50.18 -17.88 -29.89
CA PHE B 159 49.80 -17.22 -31.13
C PHE B 159 50.42 -17.96 -32.30
N ASP B 160 49.82 -17.80 -33.48
CA ASP B 160 50.42 -18.34 -34.69
C ASP B 160 51.70 -17.56 -34.96
N THR B 161 52.67 -18.21 -35.59
CA THR B 161 53.98 -17.61 -35.81
C THR B 161 53.88 -16.31 -36.61
N GLY B 162 54.40 -15.22 -36.04
CA GLY B 162 54.39 -13.93 -36.68
C GLY B 162 53.01 -13.28 -36.81
N LYS B 163 52.00 -13.93 -36.23
CA LYS B 163 50.63 -13.43 -36.33
C LYS B 163 50.04 -13.13 -34.95
N ALA B 164 48.91 -12.43 -34.94
CA ALA B 164 48.25 -12.06 -33.70
C ALA B 164 47.02 -12.95 -33.47
N THR B 165 46.93 -14.01 -34.26
CA THR B 165 45.82 -14.97 -34.16
C THR B 165 46.04 -15.92 -32.98
N ILE B 166 45.11 -15.92 -32.05
CA ILE B 166 45.18 -16.83 -30.90
C ILE B 166 44.92 -18.27 -31.35
N LYS B 167 45.73 -19.20 -30.87
CA LYS B 167 45.55 -20.61 -31.21
C LYS B 167 44.40 -21.22 -30.41
N PHE B 168 43.73 -22.20 -31.01
CA PHE B 168 42.57 -22.83 -30.39
C PHE B 168 42.93 -23.52 -29.07
N GLN B 169 44.14 -24.07 -29.00
CA GLN B 169 44.57 -24.82 -27.81
C GLN B 169 44.72 -23.93 -26.57
N SER B 170 44.74 -22.61 -26.76
CA SER B 170 44.86 -21.69 -25.65
C SER B 170 43.49 -21.35 -25.03
N ALA B 171 42.45 -22.07 -25.45
CA ALA B 171 41.10 -21.81 -24.99
C ALA B 171 40.93 -22.04 -23.48
N GLU B 172 41.56 -23.09 -22.96
CA GLU B 172 41.47 -23.42 -21.55
C GLU B 172 42.05 -22.34 -20.64
N VAL B 173 43.31 -21.99 -20.87
CA VAL B 173 43.98 -21.00 -20.03
C VAL B 173 43.32 -19.63 -20.12
N LEU B 174 42.81 -19.29 -21.30
CA LEU B 174 42.10 -18.03 -21.49
C LEU B 174 40.80 -18.02 -20.68
N ASN B 175 40.10 -19.15 -20.66
CA ASN B 175 38.88 -19.26 -19.88
C ASN B 175 39.16 -19.15 -18.38
N GLN B 176 40.30 -19.70 -17.95
CA GLN B 176 40.72 -19.56 -16.56
C GLN B 176 41.02 -18.10 -16.23
N ILE B 177 41.67 -17.42 -17.16
CA ILE B 177 41.97 -16.00 -17.01
C ILE B 177 40.68 -15.20 -16.90
N ILE B 178 39.72 -15.53 -17.76
CA ILE B 178 38.41 -14.87 -17.76
C ILE B 178 37.74 -15.03 -16.40
N ASN B 179 37.73 -16.25 -15.88
CA ASN B 179 37.13 -16.53 -14.57
C ASN B 179 37.78 -15.77 -13.43
N VAL B 180 39.10 -15.62 -13.47
CA VAL B 180 39.81 -14.83 -12.46
C VAL B 180 39.34 -13.39 -12.51
N LEU B 181 39.27 -12.84 -13.71
CA LEU B 181 38.85 -11.45 -13.90
C LEU B 181 37.40 -11.22 -13.44
N LYS B 182 36.56 -12.23 -13.58
CA LYS B 182 35.17 -12.14 -13.15
C LYS B 182 35.04 -12.12 -11.64
N LYS B 183 36.03 -12.70 -10.96
CA LYS B 183 36.07 -12.73 -9.50
C LYS B 183 36.31 -11.33 -8.93
N TYR B 184 36.88 -10.45 -9.74
CA TYR B 184 37.19 -9.11 -9.29
C TYR B 184 36.63 -8.05 -10.24
N PRO B 185 35.31 -7.83 -10.18
CA PRO B 185 34.55 -7.02 -11.14
C PRO B 185 34.96 -5.54 -11.19
N ASN B 186 35.50 -5.01 -10.10
CA ASN B 186 35.85 -3.59 -10.05
C ASN B 186 37.30 -3.32 -10.43
N SER B 187 38.08 -4.38 -10.62
CA SER B 187 39.49 -4.19 -10.94
C SER B 187 39.73 -4.16 -12.45
N ARG B 188 40.60 -3.26 -12.88
CA ARG B 188 40.92 -3.11 -14.29
C ARG B 188 42.30 -3.70 -14.58
N PHE B 189 42.52 -4.15 -15.82
CA PHE B 189 43.74 -4.88 -16.14
C PHE B 189 44.38 -4.41 -17.46
N ARG B 190 45.70 -4.24 -17.42
CA ARG B 190 46.46 -3.91 -18.62
C ARG B 190 46.95 -5.22 -19.27
N ILE B 191 46.44 -5.50 -20.46
CA ILE B 191 46.90 -6.65 -21.22
C ILE B 191 48.14 -6.24 -22.00
N GLU B 192 49.26 -6.88 -21.71
CA GLU B 192 50.54 -6.50 -22.31
C GLU B 192 51.06 -7.53 -23.31
N GLY B 193 51.47 -7.05 -24.47
CA GLY B 193 52.13 -7.91 -25.45
C GLY B 193 53.63 -7.68 -25.44
N HIS B 194 54.40 -8.76 -25.30
CA HIS B 194 55.86 -8.68 -25.33
C HIS B 194 56.48 -9.61 -26.36
N THR B 195 57.58 -9.16 -26.97
CA THR B 195 58.32 -9.99 -27.91
C THR B 195 59.79 -10.05 -27.53
N ASP B 196 60.56 -10.88 -28.23
CA ASP B 196 62.01 -10.88 -28.10
C ASP B 196 62.60 -9.74 -28.93
N SER B 197 63.93 -9.71 -29.07
CA SER B 197 64.57 -8.62 -29.81
C SER B 197 65.00 -9.02 -31.22
N THR B 198 64.41 -10.11 -31.73
CA THR B 198 64.74 -10.58 -33.08
C THR B 198 63.90 -9.85 -34.13
N GLY B 199 64.57 -9.36 -35.17
CA GLY B 199 63.90 -8.58 -36.19
C GLY B 199 63.76 -7.13 -35.77
N LYS B 200 63.20 -6.31 -36.66
CA LYS B 200 63.08 -4.88 -36.41
C LYS B 200 62.15 -4.57 -35.22
N LYS B 201 62.50 -3.53 -34.47
CA LYS B 201 61.76 -3.17 -33.27
C LYS B 201 60.35 -2.71 -33.61
N ALA B 202 60.24 -1.90 -34.66
CA ALA B 202 58.96 -1.38 -35.13
C ALA B 202 58.01 -2.53 -35.48
N LYS B 203 58.56 -3.55 -36.14
CA LYS B 203 57.81 -4.76 -36.46
C LYS B 203 57.28 -5.41 -35.19
N ASN B 204 58.11 -5.44 -34.15
CA ASN B 204 57.73 -6.07 -32.89
C ASN B 204 56.75 -5.24 -32.06
N MET B 205 56.81 -3.92 -32.19
CA MET B 205 55.85 -3.05 -31.53
C MET B 205 54.45 -3.27 -32.11
N ILE B 206 54.35 -3.30 -33.44
CA ILE B 206 53.06 -3.53 -34.11
C ILE B 206 52.48 -4.89 -33.76
N LEU B 207 53.31 -5.92 -33.85
CA LEU B 207 52.90 -7.29 -33.55
C LEU B 207 52.40 -7.46 -32.11
N SER B 208 53.21 -7.01 -31.15
CA SER B 208 52.84 -7.16 -29.74
C SER B 208 51.55 -6.42 -29.40
N GLN B 209 51.32 -5.28 -30.07
CA GLN B 209 50.10 -4.52 -29.88
C GLN B 209 48.89 -5.29 -30.40
N ASN B 210 49.02 -5.86 -31.61
CA ASN B 210 47.96 -6.67 -32.20
C ASN B 210 47.65 -7.92 -31.38
N ARG B 211 48.66 -8.45 -30.72
CA ARG B 211 48.49 -9.64 -29.88
C ARG B 211 47.78 -9.27 -28.59
N ALA B 212 48.18 -8.15 -28.00
CA ALA B 212 47.50 -7.59 -26.84
C ALA B 212 46.04 -7.33 -27.18
N ASP B 213 45.79 -6.65 -28.30
CA ASP B 213 44.42 -6.36 -28.73
C ASP B 213 43.60 -7.63 -28.87
N ALA B 214 44.20 -8.66 -29.47
CA ALA B 214 43.50 -9.93 -29.70
C ALA B 214 43.12 -10.63 -28.39
N VAL B 215 43.98 -10.54 -27.39
CA VAL B 215 43.67 -11.09 -26.07
C VAL B 215 42.51 -10.28 -25.46
N LYS B 216 42.50 -8.97 -25.71
CA LYS B 216 41.41 -8.13 -25.23
C LYS B 216 40.07 -8.57 -25.82
N VAL B 217 40.04 -8.73 -27.14
CA VAL B 217 38.86 -9.23 -27.84
C VAL B 217 38.35 -10.54 -27.23
N TYR B 218 39.27 -11.46 -26.96
CA TYR B 218 38.89 -12.77 -26.43
C TYR B 218 38.22 -12.63 -25.07
N LEU B 219 38.83 -11.83 -24.20
CA LEU B 219 38.28 -11.57 -22.87
C LEU B 219 36.88 -10.97 -22.94
N ILE B 220 36.71 -9.98 -23.81
CA ILE B 220 35.42 -9.33 -23.99
C ILE B 220 34.35 -10.32 -24.44
N GLN B 221 34.70 -11.21 -25.37
CA GLN B 221 33.79 -12.24 -25.83
C GLN B 221 33.43 -13.20 -24.69
N GLY B 222 34.32 -13.31 -23.72
CA GLY B 222 34.11 -14.20 -22.59
C GLY B 222 33.25 -13.57 -21.50
N GLY B 223 32.90 -12.31 -21.68
CA GLY B 223 32.02 -11.64 -20.74
C GLY B 223 32.67 -10.49 -19.99
N ILE B 224 33.97 -10.30 -20.21
CA ILE B 224 34.68 -9.23 -19.52
C ILE B 224 34.38 -7.87 -20.13
N ASP B 225 33.96 -6.92 -19.30
CA ASP B 225 33.63 -5.58 -19.76
C ASP B 225 34.83 -4.89 -20.40
N ALA B 226 34.64 -4.40 -21.62
CA ALA B 226 35.70 -3.81 -22.42
C ALA B 226 36.46 -2.68 -21.73
N GLY B 227 35.73 -1.80 -21.05
CA GLY B 227 36.32 -0.67 -20.35
C GLY B 227 37.27 -1.06 -19.23
N ARG B 228 37.18 -2.31 -18.79
CA ARG B 228 38.03 -2.80 -17.71
C ARG B 228 39.43 -3.14 -18.22
N LEU B 229 39.59 -3.15 -19.54
CA LEU B 229 40.82 -3.66 -20.15
C LEU B 229 41.57 -2.62 -20.98
N GLU B 230 42.89 -2.60 -20.82
CA GLU B 230 43.77 -1.74 -21.61
C GLU B 230 44.78 -2.63 -22.32
N SER B 231 44.85 -2.53 -23.65
CA SER B 231 45.78 -3.36 -24.42
C SER B 231 46.96 -2.53 -24.92
N GLN B 232 48.16 -3.00 -24.61
CA GLN B 232 49.38 -2.26 -24.93
C GLN B 232 50.50 -3.18 -25.38
N GLY B 233 51.06 -2.87 -26.55
CA GLY B 233 52.21 -3.61 -27.05
C GLY B 233 53.49 -2.96 -26.56
N PHE B 234 54.43 -3.80 -26.11
CA PHE B 234 55.70 -3.32 -25.59
C PHE B 234 56.88 -3.66 -26.50
N GLY B 235 56.68 -4.60 -27.42
CA GLY B 235 57.77 -5.11 -28.23
C GLY B 235 58.85 -5.69 -27.35
N PRO B 236 60.12 -5.34 -27.63
CA PRO B 236 61.25 -5.80 -26.83
C PRO B 236 61.67 -4.77 -25.79
N GLU B 237 60.74 -3.91 -25.34
CA GLU B 237 61.13 -2.83 -24.45
C GLU B 237 61.30 -3.25 -22.99
N LYS B 238 60.65 -4.34 -22.60
CA LYS B 238 60.73 -4.81 -21.23
C LYS B 238 61.00 -6.32 -21.13
N PRO B 239 62.25 -6.73 -21.42
CA PRO B 239 62.60 -8.14 -21.30
C PRO B 239 62.69 -8.60 -19.84
N ILE B 240 62.51 -9.89 -19.61
CA ILE B 240 62.71 -10.48 -18.29
C ILE B 240 63.82 -11.51 -18.37
N ALA B 241 64.46 -11.58 -19.54
CA ALA B 241 65.60 -12.47 -19.74
C ALA B 241 66.48 -11.96 -20.88
N SER B 242 67.65 -12.56 -21.02
CA SER B 242 68.56 -12.19 -22.09
C SER B 242 68.05 -12.73 -23.43
N ASN B 243 68.21 -11.93 -24.48
CA ASN B 243 67.85 -12.36 -25.82
C ASN B 243 69.02 -13.05 -26.56
N LYS B 244 69.96 -13.60 -25.81
CA LYS B 244 71.12 -14.29 -26.40
C LYS B 244 70.87 -15.77 -26.61
N ASN B 245 70.00 -16.35 -25.77
CA ASN B 245 69.68 -17.77 -25.85
C ASN B 245 68.26 -18.01 -26.33
N LYS B 246 68.00 -19.22 -26.80
CA LYS B 246 66.68 -19.57 -27.30
C LYS B 246 65.67 -19.60 -26.14
N LYS B 247 66.14 -19.99 -24.96
CA LYS B 247 65.28 -20.04 -23.79
C LYS B 247 64.97 -18.66 -23.23
N GLY B 248 65.94 -17.75 -23.33
CA GLY B 248 65.73 -16.37 -22.91
C GLY B 248 64.70 -15.69 -23.79
N ARG B 249 64.79 -15.91 -25.09
CA ARG B 249 63.85 -15.31 -26.04
C ARG B 249 62.43 -15.87 -25.89
N GLU B 250 62.32 -17.12 -25.44
CA GLU B 250 61.02 -17.74 -25.19
C GLU B 250 60.33 -17.08 -24.01
N LEU B 251 61.12 -16.75 -22.98
CA LEU B 251 60.61 -16.06 -21.81
C LEU B 251 60.15 -14.64 -22.15
N ASN B 252 60.88 -13.97 -23.03
CA ASN B 252 60.56 -12.61 -23.42
C ASN B 252 59.30 -12.51 -24.27
N ARG B 253 59.08 -13.49 -25.14
CA ARG B 253 57.84 -13.56 -25.89
C ARG B 253 56.74 -14.02 -24.93
N ARG B 254 55.87 -13.09 -24.55
CA ARG B 254 54.86 -13.39 -23.54
C ARG B 254 53.71 -12.38 -23.58
N VAL B 255 52.58 -12.80 -23.02
CA VAL B 255 51.50 -11.88 -22.72
C VAL B 255 51.47 -11.72 -21.21
N GLU B 256 51.25 -10.50 -20.73
CA GLU B 256 51.01 -10.28 -19.31
C GLU B 256 49.66 -9.62 -19.14
N ILE B 257 49.03 -9.87 -17.99
CA ILE B 257 47.75 -9.27 -17.66
C ILE B 257 47.88 -8.71 -16.25
N ASN B 258 48.22 -7.43 -16.16
CA ASN B 258 48.59 -6.84 -14.90
C ASN B 258 47.50 -5.93 -14.34
N LEU B 259 47.32 -6.01 -13.03
CA LEU B 259 46.35 -5.17 -12.34
C LEU B 259 46.73 -3.70 -12.51
N ILE B 260 45.78 -2.89 -12.91
CA ILE B 260 46.01 -1.45 -13.00
C ILE B 260 45.80 -0.84 -11.61
N LYS B 261 46.84 -0.18 -11.11
CA LYS B 261 46.81 0.43 -9.79
C LYS B 261 46.18 1.83 -9.81
N SER C 2 23.85 26.41 -46.36
CA SER C 2 24.05 25.26 -45.49
C SER C 2 24.27 25.69 -44.03
N LYS C 3 23.17 25.78 -43.28
CA LYS C 3 23.23 26.22 -41.89
C LYS C 3 22.88 25.07 -40.94
N ASP C 4 23.54 25.03 -39.78
CA ASP C 4 23.31 23.99 -38.78
C ASP C 4 22.93 24.62 -37.43
N THR C 5 21.62 24.75 -37.18
CA THR C 5 21.11 25.43 -35.98
C THR C 5 21.48 24.73 -34.67
N ASP C 6 21.05 23.48 -34.51
CA ASP C 6 21.40 22.72 -33.30
C ASP C 6 22.85 22.23 -33.34
N LYS C 7 23.52 22.48 -34.47
CA LYS C 7 24.93 22.15 -34.65
C LYS C 7 25.26 20.68 -34.38
N ASP C 8 24.48 19.78 -34.95
CA ASP C 8 24.74 18.34 -34.76
C ASP C 8 25.40 17.70 -35.98
N GLY C 9 25.83 18.52 -36.93
CA GLY C 9 26.50 18.01 -38.11
C GLY C 9 25.60 17.93 -39.33
N ILE C 10 24.31 17.68 -39.11
CA ILE C 10 23.36 17.64 -40.20
C ILE C 10 22.69 19.00 -40.39
N PRO C 11 22.99 19.68 -41.50
CA PRO C 11 22.46 21.03 -41.78
C PRO C 11 20.93 21.08 -41.78
N ASP C 12 20.37 22.26 -41.54
CA ASP C 12 18.92 22.44 -41.40
C ASP C 12 18.10 21.88 -42.56
N ASN C 13 18.58 22.09 -43.78
CA ASN C 13 17.88 21.64 -44.99
C ASN C 13 17.83 20.12 -45.15
N LYS C 14 18.48 19.40 -44.23
CA LYS C 14 18.46 17.94 -44.26
C LYS C 14 18.28 17.34 -42.86
N ASP C 15 18.03 18.20 -41.89
CA ASP C 15 17.82 17.77 -40.51
C ASP C 15 16.32 17.56 -40.27
N ALA C 16 15.93 16.30 -40.03
CA ALA C 16 14.53 15.99 -39.76
C ALA C 16 14.09 16.61 -38.45
N CYS C 17 15.07 16.91 -37.60
CA CYS C 17 14.81 17.63 -36.36
C CYS C 17 15.85 18.74 -36.27
N PRO C 18 15.61 19.85 -36.98
CA PRO C 18 16.55 20.98 -37.11
C PRO C 18 16.87 21.67 -35.79
N GLU C 19 15.98 21.52 -34.82
CA GLU C 19 16.13 22.20 -33.54
C GLU C 19 16.75 21.27 -32.47
N VAL C 20 16.64 19.97 -32.69
CA VAL C 20 17.11 18.98 -31.72
C VAL C 20 18.33 18.21 -32.24
N PRO C 21 19.46 18.29 -31.52
CA PRO C 21 20.64 17.52 -31.91
C PRO C 21 20.35 16.02 -31.89
N GLY C 22 20.72 15.32 -32.97
CA GLY C 22 20.37 13.92 -33.10
C GLY C 22 21.38 13.07 -33.85
N LEU C 23 20.92 11.93 -34.34
CA LEU C 23 21.80 10.96 -34.99
C LEU C 23 21.68 10.99 -36.51
N LYS C 24 22.79 10.67 -37.18
CA LYS C 24 22.84 10.60 -38.64
C LYS C 24 21.95 9.49 -39.16
N GLU C 25 21.86 8.40 -38.40
CA GLU C 25 21.04 7.24 -38.77
C GLU C 25 19.57 7.63 -38.94
N PHE C 26 19.11 8.58 -38.12
CA PHE C 26 17.75 9.06 -38.21
C PHE C 26 17.70 10.50 -38.71
N ASN C 27 18.70 10.85 -39.51
CA ASN C 27 18.78 12.17 -40.15
C ASN C 27 18.69 13.35 -39.19
N GLY C 28 19.49 13.30 -38.13
CA GLY C 28 19.56 14.41 -37.18
C GLY C 28 18.53 14.33 -36.06
N CYS C 29 17.92 13.17 -35.89
CA CYS C 29 16.97 12.97 -34.79
C CYS C 29 17.56 12.02 -33.75
N PRO C 30 17.43 12.38 -32.47
CA PRO C 30 17.97 11.58 -31.36
C PRO C 30 17.18 10.30 -31.11
N ASP C 31 17.87 9.26 -30.64
CA ASP C 31 17.24 8.03 -30.18
C ASP C 31 17.77 7.74 -28.77
N THR C 32 17.20 8.44 -27.78
CA THR C 32 17.70 8.40 -26.41
C THR C 32 17.86 6.99 -25.82
N ASP C 33 16.77 6.22 -25.80
CA ASP C 33 16.81 4.88 -25.21
C ASP C 33 17.46 3.84 -26.13
N GLY C 34 17.68 4.22 -27.39
CA GLY C 34 18.35 3.35 -28.35
C GLY C 34 17.61 2.09 -28.77
N ASP C 35 16.31 2.20 -29.01
CA ASP C 35 15.54 1.04 -29.49
C ASP C 35 15.35 1.05 -31.00
N GLY C 36 15.99 2.00 -31.67
CA GLY C 36 15.87 2.12 -33.12
C GLY C 36 14.69 2.98 -33.55
N ILE C 37 13.98 3.53 -32.57
CA ILE C 37 12.84 4.41 -32.83
C ILE C 37 13.10 5.79 -32.24
N PRO C 38 13.40 6.78 -33.11
CA PRO C 38 13.71 8.15 -32.69
C PRO C 38 12.68 8.74 -31.73
N ASP C 39 13.12 9.68 -30.89
CA ASP C 39 12.27 10.25 -29.84
C ASP C 39 10.93 10.78 -30.36
N LYS C 40 10.96 11.52 -31.47
CA LYS C 40 9.75 12.10 -32.04
C LYS C 40 8.70 11.06 -32.44
N ASP C 41 9.13 9.81 -32.58
CA ASP C 41 8.23 8.73 -32.97
C ASP C 41 8.11 7.66 -31.90
N ASP C 42 8.84 7.84 -30.81
CA ASP C 42 8.86 6.88 -29.70
C ASP C 42 7.84 7.30 -28.65
N ALA C 43 6.81 6.48 -28.46
CA ALA C 43 5.75 6.79 -27.50
C ALA C 43 6.25 6.66 -26.05
N CYS C 44 7.30 5.88 -25.87
CA CYS C 44 7.97 5.79 -24.57
C CYS C 44 9.47 6.01 -24.78
N PRO C 45 9.86 7.28 -24.99
CA PRO C 45 11.20 7.66 -25.43
C PRO C 45 12.32 7.31 -24.46
N GLN C 46 12.00 7.00 -23.21
CA GLN C 46 13.02 6.71 -22.22
C GLN C 46 13.28 5.21 -22.05
N VAL C 47 12.30 4.40 -22.42
CA VAL C 47 12.36 2.95 -22.24
C VAL C 47 12.29 2.23 -23.58
N LYS C 48 13.13 1.21 -23.77
CA LYS C 48 13.15 0.46 -25.03
C LYS C 48 11.85 -0.31 -25.24
N GLY C 49 11.42 -0.40 -26.50
CA GLY C 49 10.24 -1.16 -26.87
C GLY C 49 10.13 -1.38 -28.37
N PRO C 50 9.40 -2.43 -28.76
CA PRO C 50 9.23 -2.79 -30.17
C PRO C 50 8.39 -1.77 -30.95
N LYS C 51 8.50 -1.81 -32.27
CA LYS C 51 7.75 -0.92 -33.15
C LYS C 51 6.24 -1.11 -33.03
N GLU C 52 5.81 -2.34 -32.77
CA GLU C 52 4.38 -2.67 -32.68
C GLU C 52 3.63 -1.77 -31.69
N PHE C 53 4.27 -1.42 -30.58
CA PHE C 53 3.68 -0.49 -29.63
C PHE C 53 4.45 0.83 -29.59
N ASN C 54 4.93 1.25 -30.77
CA ASN C 54 5.56 2.56 -30.93
C ASN C 54 6.70 2.85 -29.96
N GLY C 55 7.51 1.84 -29.67
CA GLY C 55 8.67 2.01 -28.83
C GLY C 55 8.39 1.83 -27.35
N CYS C 56 7.24 1.25 -27.00
CA CYS C 56 6.90 0.95 -25.61
C CYS C 56 6.97 -0.55 -25.34
N PRO C 57 7.54 -0.92 -24.18
CA PRO C 57 7.71 -2.34 -23.81
C PRO C 57 6.40 -3.04 -23.40
N ASP C 58 6.28 -4.32 -23.77
CA ASP C 58 5.18 -5.17 -23.33
C ASP C 58 5.78 -6.35 -22.56
N THR C 59 6.10 -6.10 -21.30
CA THR C 59 6.83 -7.05 -20.47
C THR C 59 6.19 -8.44 -20.37
N ASP C 60 4.94 -8.51 -19.91
CA ASP C 60 4.27 -9.81 -19.75
C ASP C 60 3.83 -10.43 -21.07
N GLY C 61 3.72 -9.60 -22.10
CA GLY C 61 3.39 -10.09 -23.44
C GLY C 61 1.91 -10.30 -23.71
N ASP C 62 1.05 -9.62 -22.94
CA ASP C 62 -0.39 -9.76 -23.16
C ASP C 62 -0.92 -8.81 -24.24
N GLY C 63 0.00 -8.12 -24.91
CA GLY C 63 -0.36 -7.24 -26.00
C GLY C 63 -0.73 -5.84 -25.57
N ILE C 64 -0.66 -5.58 -24.27
CA ILE C 64 -0.90 -4.24 -23.74
C ILE C 64 0.38 -3.72 -23.12
N PRO C 65 0.99 -2.70 -23.75
CA PRO C 65 2.28 -2.17 -23.27
C PRO C 65 2.18 -1.68 -21.83
N ASP C 66 3.27 -1.82 -21.09
CA ASP C 66 3.34 -1.46 -19.67
C ASP C 66 2.65 -0.13 -19.35
N LYS C 67 2.83 0.84 -20.24
CA LYS C 67 2.25 2.17 -20.11
C LYS C 67 0.73 2.17 -19.92
N ASP C 68 0.07 1.13 -20.44
CA ASP C 68 -1.38 1.03 -20.35
C ASP C 68 -1.84 -0.25 -19.67
N ASP C 69 -0.89 -0.97 -19.08
CA ASP C 69 -1.17 -2.24 -18.42
C ASP C 69 -1.32 -2.02 -16.91
N ALA C 70 -2.54 -2.17 -16.40
CA ALA C 70 -2.79 -1.98 -14.98
C ALA C 70 -2.08 -3.05 -14.14
N CYS C 71 -1.76 -4.16 -14.79
CA CYS C 71 -0.97 -5.22 -14.17
C CYS C 71 0.17 -5.58 -15.13
N PRO C 72 1.23 -4.76 -15.13
CA PRO C 72 2.34 -4.82 -16.10
C PRO C 72 3.12 -6.13 -16.08
N GLU C 73 3.12 -6.83 -14.94
CA GLU C 73 3.92 -8.04 -14.79
C GLU C 73 3.13 -9.32 -14.99
N VAL C 74 1.81 -9.19 -15.16
CA VAL C 74 0.95 -10.36 -15.29
C VAL C 74 0.05 -10.26 -16.52
N ALA C 75 -0.01 -11.32 -17.31
CA ALA C 75 -0.82 -11.34 -18.52
C ALA C 75 -2.31 -11.27 -18.20
N GLY C 76 -3.03 -10.41 -18.91
CA GLY C 76 -4.45 -10.22 -18.67
C GLY C 76 -5.17 -9.67 -19.89
N PRO C 77 -6.50 -9.86 -19.93
CA PRO C 77 -7.33 -9.41 -21.05
C PRO C 77 -7.45 -7.89 -21.12
N LYS C 78 -7.87 -7.39 -22.28
CA LYS C 78 -8.02 -5.97 -22.51
C LYS C 78 -9.24 -5.44 -21.78
N GLU C 79 -10.18 -6.33 -21.52
CA GLU C 79 -11.43 -5.99 -20.83
C GLU C 79 -11.17 -5.52 -19.40
N PHE C 80 -9.99 -5.81 -18.87
CA PHE C 80 -9.62 -5.36 -17.53
C PHE C 80 -8.28 -4.66 -17.52
N ASN C 81 -7.89 -4.12 -18.68
CA ASN C 81 -6.62 -3.41 -18.84
C ASN C 81 -5.40 -4.26 -18.52
N GLY C 82 -5.34 -5.46 -19.09
CA GLY C 82 -4.19 -6.33 -18.93
C GLY C 82 -4.11 -6.99 -17.57
N CYS C 83 -5.24 -7.05 -16.87
CA CYS C 83 -5.31 -7.69 -15.56
C CYS C 83 -6.11 -8.98 -15.63
N PRO C 84 -5.51 -10.09 -15.16
CA PRO C 84 -6.13 -11.42 -15.26
C PRO C 84 -7.32 -11.56 -14.31
N ASP C 85 -8.32 -12.33 -14.73
CA ASP C 85 -9.50 -12.62 -13.91
C ASP C 85 -9.68 -14.13 -13.83
N THR C 86 -8.93 -14.76 -12.91
CA THR C 86 -8.82 -16.22 -12.83
C THR C 86 -10.18 -16.95 -12.74
N ASP C 87 -10.94 -16.67 -11.69
CA ASP C 87 -12.23 -17.32 -11.49
C ASP C 87 -13.31 -16.73 -12.38
N GLY C 88 -12.94 -15.68 -13.13
CA GLY C 88 -13.83 -15.09 -14.11
C GLY C 88 -15.12 -14.52 -13.57
N ASP C 89 -15.12 -14.10 -12.30
CA ASP C 89 -16.34 -13.57 -11.69
C ASP C 89 -16.58 -12.11 -12.05
N GLY C 90 -15.66 -11.53 -12.83
CA GLY C 90 -15.78 -10.14 -13.24
C GLY C 90 -14.90 -9.21 -12.43
N ILE C 91 -14.21 -9.75 -11.44
CA ILE C 91 -13.32 -8.97 -10.60
C ILE C 91 -11.91 -9.57 -10.64
N PRO C 92 -10.95 -8.81 -11.21
CA PRO C 92 -9.58 -9.30 -11.44
C PRO C 92 -8.87 -9.69 -10.14
N ASP C 93 -7.81 -10.50 -10.27
CA ASP C 93 -7.07 -11.00 -9.11
C ASP C 93 -6.51 -9.85 -8.27
N LYS C 94 -6.30 -8.71 -8.91
CA LYS C 94 -5.85 -7.51 -8.24
C LYS C 94 -6.84 -7.04 -7.18
N ASP C 95 -8.13 -7.22 -7.45
CA ASP C 95 -9.17 -6.70 -6.58
C ASP C 95 -10.08 -7.80 -6.04
N ASP C 96 -9.65 -9.06 -6.19
CA ASP C 96 -10.42 -10.21 -5.75
C ASP C 96 -9.75 -10.80 -4.51
N LYS C 97 -10.30 -10.49 -3.34
CA LYS C 97 -9.70 -10.95 -2.08
C LYS C 97 -9.67 -12.48 -1.98
N CYS C 98 -10.57 -13.13 -2.69
CA CYS C 98 -10.47 -14.58 -2.91
C CYS C 98 -10.48 -14.87 -4.41
N PRO C 99 -9.31 -14.79 -5.05
CA PRO C 99 -9.16 -14.85 -6.51
C PRO C 99 -9.16 -16.27 -7.08
N ASP C 100 -9.46 -17.26 -6.26
CA ASP C 100 -9.52 -18.64 -6.74
C ASP C 100 -10.94 -19.19 -6.68
N VAL C 101 -11.83 -18.45 -6.02
CA VAL C 101 -13.23 -18.87 -5.89
C VAL C 101 -14.16 -17.79 -6.44
N ALA C 102 -15.12 -18.18 -7.27
CA ALA C 102 -16.07 -17.25 -7.84
C ALA C 102 -16.93 -16.58 -6.76
N GLY C 103 -17.27 -15.31 -6.99
CA GLY C 103 -18.07 -14.55 -6.03
C GLY C 103 -18.56 -13.23 -6.60
N PRO C 104 -19.45 -12.55 -5.87
CA PRO C 104 -20.01 -11.26 -6.30
C PRO C 104 -19.12 -10.08 -5.91
N ALA C 105 -19.40 -8.92 -6.49
CA ALA C 105 -18.62 -7.72 -6.23
C ALA C 105 -18.97 -7.10 -4.88
N GLU C 106 -20.15 -7.44 -4.38
CA GLU C 106 -20.62 -6.93 -3.10
C GLU C 106 -19.67 -7.31 -1.95
N ASN C 107 -19.16 -8.54 -1.99
CA ASN C 107 -18.29 -9.03 -0.92
C ASN C 107 -16.82 -9.16 -1.34
N GLY C 108 -16.37 -8.26 -2.20
CA GLY C 108 -14.97 -8.19 -2.57
C GLY C 108 -14.47 -9.37 -3.39
N GLY C 109 -15.40 -10.04 -4.08
CA GLY C 109 -15.04 -11.18 -4.90
C GLY C 109 -15.23 -12.51 -4.21
N CYS C 110 -15.69 -12.47 -2.96
CA CYS C 110 -15.95 -13.69 -2.20
C CYS C 110 -17.44 -13.98 -2.13
N PRO C 111 -17.81 -15.26 -2.28
CA PRO C 111 -19.22 -15.64 -2.14
C PRO C 111 -19.70 -15.37 -0.72
N TRP C 112 -20.97 -14.99 -0.58
CA TRP C 112 -21.52 -14.68 0.73
C TRP C 112 -21.43 -15.87 1.68
N PRO C 113 -20.69 -15.69 2.79
CA PRO C 113 -20.42 -16.75 3.77
C PRO C 113 -21.66 -17.22 4.52
N ASP C 114 -21.63 -18.48 4.96
CA ASP C 114 -22.66 -19.05 5.83
C ASP C 114 -21.93 -19.77 6.96
N THR C 115 -21.53 -19.01 7.98
CA THR C 115 -20.67 -19.51 9.06
C THR C 115 -21.22 -20.73 9.83
N ASP C 116 -22.48 -20.69 10.21
CA ASP C 116 -23.06 -21.79 10.99
C ASP C 116 -23.72 -22.85 10.11
N GLY C 117 -23.76 -22.58 8.80
CA GLY C 117 -24.29 -23.53 7.83
C GLY C 117 -25.76 -23.89 7.97
N ASP C 118 -26.60 -22.92 8.33
CA ASP C 118 -28.03 -23.16 8.42
C ASP C 118 -28.76 -22.80 7.12
N GLY C 119 -28.01 -22.39 6.11
CA GLY C 119 -28.59 -22.00 4.84
C GLY C 119 -28.91 -20.51 4.79
N VAL C 120 -28.69 -19.83 5.90
CA VAL C 120 -28.93 -18.39 5.97
C VAL C 120 -27.61 -17.64 6.04
N LEU C 121 -27.31 -16.88 5.00
CA LEU C 121 -26.05 -16.15 4.92
C LEU C 121 -25.90 -15.21 6.12
N ASP C 122 -24.67 -14.96 6.54
CA ASP C 122 -24.38 -14.05 7.64
C ASP C 122 -25.02 -12.69 7.42
N LYS C 123 -25.14 -12.32 6.13
CA LYS C 123 -25.82 -11.10 5.72
C LYS C 123 -27.27 -11.05 6.24
N ASP C 124 -27.91 -12.21 6.32
CA ASP C 124 -29.30 -12.28 6.74
C ASP C 124 -29.49 -13.11 8.01
N ASP C 125 -28.40 -13.37 8.73
CA ASP C 125 -28.43 -14.23 9.91
C ASP C 125 -28.27 -13.41 11.19
N LEU C 126 -29.35 -13.25 11.94
CA LEU C 126 -29.29 -12.52 13.20
C LEU C 126 -28.47 -13.28 14.25
N CYS C 127 -28.39 -14.59 14.09
CA CYS C 127 -27.56 -15.43 14.94
C CYS C 127 -26.57 -16.18 14.06
N PRO C 128 -25.48 -15.51 13.67
CA PRO C 128 -24.51 -15.98 12.66
C PRO C 128 -23.74 -17.23 13.06
N GLU C 129 -23.52 -17.43 14.36
CA GLU C 129 -22.75 -18.58 14.82
C GLU C 129 -23.63 -19.67 15.43
N VAL C 130 -24.95 -19.50 15.30
CA VAL C 130 -25.89 -20.47 15.82
C VAL C 130 -26.91 -20.85 14.76
N ALA C 131 -27.01 -22.14 14.45
CA ALA C 131 -27.90 -22.61 13.40
C ALA C 131 -29.36 -22.41 13.78
N GLY C 132 -30.17 -22.06 12.80
CA GLY C 132 -31.59 -21.85 13.01
C GLY C 132 -32.34 -21.82 11.69
N PRO C 133 -33.66 -22.03 11.73
CA PRO C 133 -34.50 -22.02 10.54
C PRO C 133 -34.51 -20.65 9.87
N ALA C 134 -34.77 -20.62 8.56
CA ALA C 134 -34.77 -19.35 7.84
C ALA C 134 -35.99 -18.51 8.19
N SER C 135 -37.03 -19.18 8.69
CA SER C 135 -38.25 -18.51 9.10
C SER C 135 -38.03 -17.63 10.33
N ASN C 136 -36.88 -17.81 10.98
CA ASN C 136 -36.53 -16.99 12.13
C ASN C 136 -35.18 -16.30 11.94
N LYS C 137 -34.89 -15.91 10.69
CA LYS C 137 -33.66 -15.19 10.34
C LYS C 137 -32.40 -15.94 10.79
N GLY C 138 -32.43 -17.26 10.69
CA GLY C 138 -31.29 -18.07 11.05
C GLY C 138 -31.03 -18.13 12.54
N CYS C 139 -32.07 -17.90 13.33
CA CYS C 139 -31.99 -18.00 14.79
C CYS C 139 -32.86 -19.16 15.28
N PRO C 140 -32.34 -19.95 16.22
CA PRO C 140 -33.09 -21.08 16.78
C PRO C 140 -34.26 -20.61 17.64
N GLU C 141 -35.34 -21.40 17.68
CA GLU C 141 -36.47 -21.13 18.56
C GLU C 141 -36.65 -22.29 19.54
N PRO C 142 -37.23 -22.01 20.72
CA PRO C 142 -37.50 -23.09 21.68
C PRO C 142 -38.56 -24.04 21.16
N ASP C 143 -38.32 -25.34 21.23
CA ASP C 143 -39.34 -26.32 20.81
C ASP C 143 -40.45 -26.39 21.87
N GLU C 144 -41.49 -27.17 21.58
CA GLU C 144 -42.64 -27.26 22.47
C GLU C 144 -42.23 -27.74 23.86
N LYS C 145 -41.32 -28.71 23.90
CA LYS C 145 -40.82 -29.26 25.16
C LYS C 145 -40.10 -28.20 25.98
N GLU C 146 -39.25 -27.42 25.31
CA GLU C 146 -38.46 -26.40 26.00
C GLU C 146 -39.33 -25.28 26.55
N GLN C 147 -40.37 -24.91 25.81
CA GLN C 147 -41.32 -23.91 26.29
C GLN C 147 -42.01 -24.38 27.56
N LYS C 148 -42.41 -25.65 27.58
CA LYS C 148 -43.00 -26.25 28.78
C LYS C 148 -42.03 -26.25 29.94
N GLN C 149 -40.75 -26.54 29.65
CA GLN C 149 -39.72 -26.54 30.69
C GLN C 149 -39.55 -25.14 31.29
N LEU C 150 -39.69 -24.13 30.45
CA LEU C 150 -39.52 -22.75 30.86
C LEU C 150 -40.59 -22.37 31.89
N ASN C 151 -41.80 -22.87 31.68
CA ASN C 151 -42.91 -22.62 32.60
C ASN C 151 -42.88 -23.49 33.83
N GLN C 152 -42.22 -24.64 33.73
CA GLN C 152 -42.01 -25.49 34.91
C GLN C 152 -41.04 -24.79 35.85
N TYR C 153 -40.09 -24.06 35.27
CA TYR C 153 -39.18 -23.23 36.04
C TYR C 153 -39.95 -22.07 36.67
N ALA C 154 -40.68 -21.33 35.83
CA ALA C 154 -41.39 -20.14 36.27
C ALA C 154 -42.44 -20.43 37.34
N LYS C 155 -42.94 -21.66 37.35
CA LYS C 155 -43.95 -22.09 38.33
C LYS C 155 -43.44 -21.96 39.75
N THR C 156 -42.15 -22.21 39.94
CA THR C 156 -41.54 -22.26 41.28
C THR C 156 -41.04 -20.91 41.75
N ILE C 157 -41.36 -19.85 41.01
CA ILE C 157 -41.01 -18.49 41.40
C ILE C 157 -41.90 -18.06 42.55
N LEU C 158 -41.30 -17.73 43.68
CA LEU C 158 -42.04 -17.41 44.91
C LEU C 158 -42.21 -15.90 45.12
N PHE C 159 -43.35 -15.52 45.70
CA PHE C 159 -43.59 -14.15 46.11
C PHE C 159 -44.07 -14.10 47.55
N ASP C 160 -43.87 -12.97 48.22
CA ASP C 160 -44.45 -12.76 49.54
C ASP C 160 -45.97 -12.78 49.40
N THR C 161 -46.64 -13.41 50.35
CA THR C 161 -48.10 -13.53 50.30
C THR C 161 -48.74 -12.15 50.18
N GLY C 162 -49.55 -11.97 49.14
CA GLY C 162 -50.22 -10.71 48.89
C GLY C 162 -49.32 -9.62 48.32
N LYS C 163 -48.06 -9.95 48.03
CA LYS C 163 -47.10 -8.95 47.56
C LYS C 163 -46.37 -9.37 46.29
N ALA C 164 -45.67 -8.41 45.69
CA ALA C 164 -45.03 -8.61 44.38
C ALA C 164 -43.51 -8.59 44.48
N THR C 165 -42.98 -8.90 45.65
CA THR C 165 -41.53 -8.98 45.83
C THR C 165 -41.06 -10.41 45.66
N ILE C 166 -40.13 -10.62 44.74
CA ILE C 166 -39.58 -11.95 44.51
C ILE C 166 -38.75 -12.39 45.71
N LYS C 167 -39.00 -13.61 46.17
CA LYS C 167 -38.27 -14.16 47.31
C LYS C 167 -36.84 -14.54 46.92
N PHE C 168 -35.95 -14.54 47.90
CA PHE C 168 -34.54 -14.84 47.68
C PHE C 168 -34.29 -16.28 47.23
N GLN C 169 -35.10 -17.21 47.72
CA GLN C 169 -34.89 -18.64 47.48
C GLN C 169 -35.14 -19.03 46.02
N SER C 170 -35.83 -18.18 45.27
CA SER C 170 -36.18 -18.49 43.90
C SER C 170 -35.18 -17.88 42.90
N ALA C 171 -34.02 -17.50 43.40
CA ALA C 171 -32.97 -16.92 42.56
C ALA C 171 -32.34 -17.98 41.66
N GLU C 172 -32.25 -19.21 42.14
CA GLU C 172 -31.63 -20.28 41.37
C GLU C 172 -32.44 -20.58 40.11
N VAL C 173 -33.74 -20.75 40.29
CA VAL C 173 -34.62 -21.11 39.19
C VAL C 173 -34.76 -19.93 38.21
N LEU C 174 -34.59 -18.72 38.72
CA LEU C 174 -34.63 -17.53 37.87
C LEU C 174 -33.37 -17.46 36.99
N ASN C 175 -32.25 -17.93 37.53
CA ASN C 175 -31.02 -17.99 36.76
C ASN C 175 -31.15 -19.00 35.63
N GLN C 176 -31.82 -20.11 35.89
CA GLN C 176 -32.09 -21.11 34.86
C GLN C 176 -32.93 -20.50 33.74
N ILE C 177 -33.93 -19.71 34.13
CA ILE C 177 -34.79 -19.05 33.15
C ILE C 177 -33.98 -18.10 32.25
N ILE C 178 -33.11 -17.33 32.87
CA ILE C 178 -32.27 -16.38 32.16
C ILE C 178 -31.38 -17.10 31.15
N ASN C 179 -30.77 -18.19 31.60
CA ASN C 179 -29.94 -19.02 30.74
C ASN C 179 -30.71 -19.53 29.51
N VAL C 180 -31.96 -19.93 29.72
CA VAL C 180 -32.81 -20.36 28.62
C VAL C 180 -33.11 -19.22 27.66
N LEU C 181 -33.46 -18.05 28.21
CA LEU C 181 -33.77 -16.89 27.38
C LEU C 181 -32.56 -16.37 26.60
N LYS C 182 -31.37 -16.72 27.07
CA LYS C 182 -30.14 -16.29 26.41
C LYS C 182 -29.80 -17.17 25.20
N LYS C 183 -30.40 -18.35 25.15
CA LYS C 183 -30.21 -19.27 24.03
C LYS C 183 -30.98 -18.81 22.80
N TYR C 184 -31.99 -17.96 23.01
CA TYR C 184 -32.85 -17.54 21.92
C TYR C 184 -32.93 -16.02 21.81
N PRO C 185 -31.84 -15.40 21.30
CA PRO C 185 -31.67 -13.94 21.24
C PRO C 185 -32.76 -13.24 20.45
N ASN C 186 -33.23 -13.87 19.38
CA ASN C 186 -34.22 -13.25 18.51
C ASN C 186 -35.66 -13.49 18.98
N SER C 187 -35.80 -14.29 20.03
CA SER C 187 -37.12 -14.64 20.57
C SER C 187 -37.53 -13.72 21.72
N ARG C 188 -38.76 -13.23 21.67
CA ARG C 188 -39.29 -12.37 22.72
C ARG C 188 -40.31 -13.13 23.58
N PHE C 189 -40.44 -12.73 24.84
CA PHE C 189 -41.26 -13.50 25.79
C PHE C 189 -42.24 -12.63 26.57
N ARG C 190 -43.43 -13.18 26.80
CA ARG C 190 -44.44 -12.49 27.59
C ARG C 190 -44.43 -13.07 28.99
N ILE C 191 -44.14 -12.21 29.96
CA ILE C 191 -44.10 -12.60 31.35
C ILE C 191 -45.50 -12.38 31.90
N GLU C 192 -46.16 -13.48 32.25
CA GLU C 192 -47.55 -13.42 32.68
C GLU C 192 -47.67 -13.66 34.17
N GLY C 193 -48.50 -12.85 34.81
CA GLY C 193 -48.84 -13.07 36.20
C GLY C 193 -50.28 -13.58 36.30
N HIS C 194 -50.47 -14.65 37.08
CA HIS C 194 -51.79 -15.23 37.26
C HIS C 194 -52.13 -15.42 38.73
N THR C 195 -53.39 -15.19 39.09
CA THR C 195 -53.83 -15.43 40.46
C THR C 195 -55.02 -16.38 40.49
N ASP C 196 -55.46 -16.74 41.70
CA ASP C 196 -56.73 -17.44 41.85
C ASP C 196 -57.87 -16.42 41.81
N SER C 197 -59.09 -16.87 42.07
CA SER C 197 -60.24 -15.98 42.01
C SER C 197 -60.69 -15.50 43.39
N THR C 198 -59.82 -15.62 44.40
CA THR C 198 -60.16 -15.20 45.75
C THR C 198 -60.00 -13.69 45.91
N GLY C 199 -60.99 -13.05 46.55
CA GLY C 199 -60.97 -11.61 46.71
C GLY C 199 -61.45 -10.93 45.46
N LYS C 200 -61.38 -9.59 45.44
CA LYS C 200 -61.84 -8.84 44.27
C LYS C 200 -60.95 -9.07 43.05
N LYS C 201 -61.59 -9.20 41.90
CA LYS C 201 -60.90 -9.42 40.63
C LYS C 201 -59.95 -8.27 40.31
N ALA C 202 -60.40 -7.04 40.59
CA ALA C 202 -59.60 -5.86 40.32
C ALA C 202 -58.28 -5.86 41.09
N LYS C 203 -58.35 -6.28 42.35
CA LYS C 203 -57.19 -6.40 43.21
C LYS C 203 -56.22 -7.43 42.66
N ASN C 204 -56.77 -8.51 42.13
CA ASN C 204 -55.95 -9.58 41.54
C ASN C 204 -55.25 -9.17 40.23
N MET C 205 -55.89 -8.32 39.44
CA MET C 205 -55.30 -7.85 38.20
C MET C 205 -54.07 -7.00 38.48
N ILE C 206 -54.20 -6.11 39.47
CA ILE C 206 -53.11 -5.23 39.85
C ILE C 206 -51.93 -6.04 40.41
N LEU C 207 -52.24 -6.94 41.34
CA LEU C 207 -51.22 -7.79 41.94
C LEU C 207 -50.45 -8.58 40.88
N SER C 208 -51.19 -9.24 39.99
CA SER C 208 -50.59 -10.10 38.98
C SER C 208 -49.70 -9.31 38.01
N GLN C 209 -50.05 -8.05 37.78
CA GLN C 209 -49.26 -7.18 36.91
C GLN C 209 -47.96 -6.79 37.61
N ASN C 210 -48.06 -6.41 38.88
CA ASN C 210 -46.90 -6.06 39.68
C ASN C 210 -45.91 -7.21 39.77
N ARG C 211 -46.43 -8.43 39.87
CA ARG C 211 -45.56 -9.60 39.93
C ARG C 211 -44.88 -9.86 38.59
N ALA C 212 -45.62 -9.69 37.50
CA ALA C 212 -45.03 -9.83 36.16
C ALA C 212 -43.93 -8.80 35.97
N ASP C 213 -44.20 -7.55 36.34
CA ASP C 213 -43.22 -6.48 36.24
C ASP C 213 -41.95 -6.82 37.02
N ALA C 214 -42.13 -7.39 38.21
CA ALA C 214 -41.01 -7.75 39.07
C ALA C 214 -40.11 -8.81 38.41
N VAL C 215 -40.72 -9.78 37.74
CA VAL C 215 -39.95 -10.81 37.06
C VAL C 215 -39.18 -10.22 35.88
N LYS C 216 -39.83 -9.32 35.16
CA LYS C 216 -39.18 -8.56 34.09
C LYS C 216 -37.93 -7.85 34.63
N VAL C 217 -38.08 -7.16 35.76
CA VAL C 217 -36.95 -6.47 36.39
C VAL C 217 -35.77 -7.42 36.66
N TYR C 218 -36.08 -8.62 37.14
CA TYR C 218 -35.04 -9.59 37.46
C TYR C 218 -34.34 -10.12 36.21
N LEU C 219 -35.11 -10.40 35.16
CA LEU C 219 -34.53 -10.88 33.91
C LEU C 219 -33.61 -9.82 33.31
N ILE C 220 -34.06 -8.57 33.29
CA ILE C 220 -33.24 -7.45 32.82
C ILE C 220 -31.91 -7.37 33.58
N GLN C 221 -31.97 -7.44 34.90
CA GLN C 221 -30.78 -7.43 35.74
C GLN C 221 -29.88 -8.62 35.42
N GLY C 222 -30.49 -9.69 34.91
CA GLY C 222 -29.75 -10.89 34.55
C GLY C 222 -29.07 -10.82 33.19
N GLY C 223 -29.34 -9.74 32.44
CA GLY C 223 -28.72 -9.56 31.14
C GLY C 223 -29.66 -9.61 29.95
N ILE C 224 -30.90 -10.03 30.19
CA ILE C 224 -31.91 -10.06 29.13
C ILE C 224 -32.30 -8.65 28.70
N ASP C 225 -32.29 -8.41 27.39
CA ASP C 225 -32.68 -7.13 26.81
C ASP C 225 -34.14 -6.80 27.16
N ALA C 226 -34.35 -5.59 27.68
CA ALA C 226 -35.67 -5.18 28.14
C ALA C 226 -36.74 -5.26 27.06
N GLY C 227 -36.39 -4.82 25.85
CA GLY C 227 -37.30 -4.86 24.74
C GLY C 227 -37.76 -6.25 24.35
N ARG C 228 -37.05 -7.28 24.82
CA ARG C 228 -37.42 -8.66 24.50
C ARG C 228 -38.55 -9.18 25.38
N LEU C 229 -38.96 -8.37 26.36
CA LEU C 229 -39.88 -8.83 27.39
C LEU C 229 -41.15 -8.00 27.49
N GLU C 230 -42.29 -8.68 27.64
CA GLU C 230 -43.57 -8.02 27.83
C GLU C 230 -44.20 -8.55 29.11
N SER C 231 -44.44 -7.67 30.08
CA SER C 231 -45.04 -8.09 31.34
C SER C 231 -46.53 -7.81 31.34
N GLN C 232 -47.34 -8.82 31.65
CA GLN C 232 -48.79 -8.68 31.64
C GLN C 232 -49.46 -9.43 32.78
N GLY C 233 -50.33 -8.73 33.52
CA GLY C 233 -51.11 -9.35 34.57
C GLY C 233 -52.42 -9.90 34.03
N PHE C 234 -52.74 -11.13 34.38
CA PHE C 234 -53.97 -11.75 33.90
C PHE C 234 -55.01 -11.92 35.00
N GLY C 235 -54.60 -11.72 36.25
CA GLY C 235 -55.44 -12.05 37.37
C GLY C 235 -55.91 -13.50 37.21
N PRO C 236 -57.22 -13.72 37.39
CA PRO C 236 -57.82 -15.06 37.30
C PRO C 236 -58.36 -15.41 35.92
N GLU C 237 -57.98 -14.66 34.90
CA GLU C 237 -58.58 -14.81 33.57
C GLU C 237 -58.12 -16.03 32.77
N LYS C 238 -57.03 -16.64 33.19
CA LYS C 238 -56.54 -17.86 32.54
C LYS C 238 -56.23 -18.96 33.55
N PRO C 239 -57.28 -19.57 34.13
CA PRO C 239 -57.08 -20.65 35.09
C PRO C 239 -56.58 -21.91 34.39
N ILE C 240 -55.84 -22.75 35.11
CA ILE C 240 -55.44 -24.05 34.59
C ILE C 240 -56.02 -25.15 35.47
N ALA C 241 -56.67 -24.73 36.56
CA ALA C 241 -57.38 -25.63 37.46
C ALA C 241 -58.58 -24.92 38.06
N SER C 242 -59.45 -25.69 38.70
CA SER C 242 -60.62 -25.12 39.35
C SER C 242 -60.21 -24.35 40.60
N ASN C 243 -60.82 -23.20 40.82
CA ASN C 243 -60.59 -22.43 42.04
C ASN C 243 -61.40 -22.96 43.21
N LYS C 244 -62.14 -24.05 42.99
CA LYS C 244 -63.02 -24.62 44.01
C LYS C 244 -62.26 -25.11 45.24
N ASN C 245 -61.12 -25.76 45.01
CA ASN C 245 -60.34 -26.33 46.10
C ASN C 245 -58.99 -25.65 46.26
N LYS C 246 -58.32 -25.89 47.38
CA LYS C 246 -57.08 -25.17 47.71
C LYS C 246 -55.94 -25.42 46.73
N LYS C 247 -55.73 -26.68 46.35
CA LYS C 247 -54.64 -27.04 45.45
C LYS C 247 -54.80 -26.40 44.07
N GLY C 248 -56.03 -26.38 43.57
CA GLY C 248 -56.31 -25.75 42.29
C GLY C 248 -56.04 -24.27 42.30
N ARG C 249 -56.30 -23.62 43.44
CA ARG C 249 -56.02 -22.19 43.56
C ARG C 249 -54.52 -21.96 43.57
N GLU C 250 -53.80 -22.83 44.25
CA GLU C 250 -52.34 -22.77 44.28
C GLU C 250 -51.75 -22.92 42.88
N LEU C 251 -52.31 -23.83 42.09
CA LEU C 251 -51.83 -24.04 40.72
C LEU C 251 -52.17 -22.85 39.83
N ASN C 252 -53.26 -22.15 40.14
CA ASN C 252 -53.66 -20.97 39.39
C ASN C 252 -52.78 -19.75 39.67
N ARG C 253 -52.26 -19.67 40.90
CA ARG C 253 -51.29 -18.63 41.22
C ARG C 253 -49.94 -19.03 40.67
N ARG C 254 -49.53 -18.36 39.60
CA ARG C 254 -48.31 -18.73 38.93
C ARG C 254 -47.80 -17.60 38.08
N VAL C 255 -46.51 -17.67 37.75
CA VAL C 255 -45.93 -16.85 36.72
C VAL C 255 -45.74 -17.74 35.50
N GLU C 256 -46.10 -17.24 34.32
CA GLU C 256 -45.75 -17.93 33.09
C GLU C 256 -44.81 -17.08 32.28
N ILE C 257 -43.97 -17.73 31.49
CA ILE C 257 -43.09 -17.05 30.55
C ILE C 257 -43.25 -17.74 29.21
N ASN C 258 -43.99 -17.10 28.32
CA ASN C 258 -44.41 -17.72 27.07
C ASN C 258 -43.83 -17.03 25.85
N LEU C 259 -43.38 -17.83 24.89
CA LEU C 259 -42.85 -17.31 23.63
C LEU C 259 -43.90 -16.47 22.93
N ILE C 260 -43.52 -15.25 22.55
CA ILE C 260 -44.42 -14.39 21.80
C ILE C 260 -44.36 -14.77 20.32
N LYS C 261 -45.50 -15.17 19.77
CA LYS C 261 -45.57 -15.58 18.37
C LYS C 261 -45.89 -14.39 17.47
N ASP D 15 -119.57 -14.95 104.95
CA ASP D 15 -118.38 -14.11 104.80
C ASP D 15 -117.20 -14.93 104.29
N ALA D 16 -116.92 -14.83 102.99
CA ALA D 16 -115.80 -15.53 102.38
C ALA D 16 -114.47 -15.07 102.96
N CYS D 17 -114.44 -13.82 103.40
CA CYS D 17 -113.30 -13.27 104.11
C CYS D 17 -113.78 -12.72 105.46
N PRO D 18 -113.96 -13.61 106.44
CA PRO D 18 -114.52 -13.25 107.76
C PRO D 18 -113.62 -12.31 108.55
N GLU D 19 -112.32 -12.36 108.26
CA GLU D 19 -111.34 -11.54 108.98
C GLU D 19 -111.30 -10.12 108.43
N VAL D 20 -111.54 -9.98 107.12
CA VAL D 20 -111.44 -8.70 106.45
C VAL D 20 -112.83 -8.09 106.19
N PRO D 21 -112.99 -6.80 106.53
CA PRO D 21 -114.22 -6.07 106.19
C PRO D 21 -114.32 -5.80 104.69
N GLY D 22 -115.24 -6.48 104.02
CA GLY D 22 -115.35 -6.36 102.58
C GLY D 22 -116.66 -5.77 102.10
N LEU D 23 -117.15 -6.27 100.97
CA LEU D 23 -118.39 -5.77 100.37
C LEU D 23 -119.42 -6.87 100.22
N LYS D 24 -120.68 -6.46 100.04
CA LYS D 24 -121.79 -7.40 99.93
C LYS D 24 -121.73 -8.21 98.63
N GLU D 25 -121.24 -7.58 97.57
CA GLU D 25 -121.25 -8.18 96.24
C GLU D 25 -120.30 -9.35 96.12
N PHE D 26 -119.22 -9.32 96.91
CA PHE D 26 -118.18 -10.34 96.81
C PHE D 26 -118.08 -11.18 98.08
N ASN D 27 -119.23 -11.40 98.72
CA ASN D 27 -119.33 -12.28 99.88
C ASN D 27 -118.46 -11.85 101.07
N GLY D 28 -118.38 -10.55 101.32
CA GLY D 28 -117.64 -10.04 102.46
C GLY D 28 -116.17 -9.77 102.17
N CYS D 29 -115.81 -9.80 100.89
CA CYS D 29 -114.43 -9.53 100.46
C CYS D 29 -114.30 -8.14 99.87
N PRO D 30 -113.15 -7.47 100.12
CA PRO D 30 -112.94 -6.09 99.67
C PRO D 30 -112.58 -5.98 98.18
N ASP D 31 -112.83 -4.81 97.61
CA ASP D 31 -112.47 -4.49 96.24
C ASP D 31 -111.76 -3.14 96.26
N THR D 32 -110.48 -3.18 96.63
CA THR D 32 -109.66 -1.98 96.86
C THR D 32 -109.70 -0.93 95.76
N ASP D 33 -109.32 -1.31 94.54
CA ASP D 33 -109.31 -0.36 93.43
C ASP D 33 -110.72 -0.12 92.90
N GLY D 34 -111.65 -1.00 93.26
CA GLY D 34 -113.04 -0.84 92.89
C GLY D 34 -113.35 -1.12 91.43
N ASP D 35 -112.53 -1.96 90.78
CA ASP D 35 -112.78 -2.31 89.39
C ASP D 35 -113.81 -3.44 89.24
N GLY D 36 -114.42 -3.84 90.34
CA GLY D 36 -115.41 -4.90 90.31
C GLY D 36 -114.82 -6.29 90.47
N ILE D 37 -113.51 -6.34 90.72
CA ILE D 37 -112.83 -7.61 90.92
C ILE D 37 -112.11 -7.64 92.26
N PRO D 38 -112.62 -8.46 93.19
CA PRO D 38 -112.13 -8.51 94.57
C PRO D 38 -110.62 -8.77 94.65
N ASP D 39 -110.00 -8.20 95.67
CA ASP D 39 -108.55 -8.29 95.88
C ASP D 39 -108.00 -9.70 95.70
N LYS D 40 -108.68 -10.67 96.30
CA LYS D 40 -108.32 -12.09 96.22
C LYS D 40 -108.04 -12.55 94.78
N ASP D 41 -108.77 -11.98 93.82
CA ASP D 41 -108.68 -12.42 92.43
C ASP D 41 -108.19 -11.32 91.51
N ASP D 42 -107.72 -10.21 92.08
CA ASP D 42 -107.25 -9.11 91.26
C ASP D 42 -105.74 -9.15 91.16
N ALA D 43 -105.24 -9.48 89.99
CA ALA D 43 -103.81 -9.58 89.74
C ALA D 43 -103.14 -8.22 89.92
N CYS D 44 -103.90 -7.16 89.67
CA CYS D 44 -103.44 -5.80 89.93
C CYS D 44 -104.44 -5.12 90.85
N PRO D 45 -104.42 -5.47 92.14
CA PRO D 45 -105.46 -5.09 93.12
C PRO D 45 -105.53 -3.60 93.41
N GLN D 46 -104.46 -2.85 93.16
CA GLN D 46 -104.49 -1.41 93.38
C GLN D 46 -104.81 -0.63 92.11
N VAL D 47 -104.93 -1.35 91.00
CA VAL D 47 -105.13 -0.71 89.70
C VAL D 47 -106.37 -1.24 88.98
N LYS D 48 -107.24 -0.34 88.54
CA LYS D 48 -108.44 -0.71 87.80
C LYS D 48 -108.11 -1.40 86.46
N GLY D 49 -108.65 -2.61 86.28
CA GLY D 49 -108.47 -3.34 85.04
C GLY D 49 -109.68 -4.23 84.78
N PRO D 50 -109.91 -4.58 83.52
CA PRO D 50 -111.06 -5.43 83.17
C PRO D 50 -110.87 -6.87 83.66
N LYS D 51 -111.96 -7.64 83.67
CA LYS D 51 -111.92 -9.03 84.10
C LYS D 51 -111.13 -9.90 83.13
N GLU D 52 -111.18 -9.53 81.85
CA GLU D 52 -110.47 -10.24 80.80
C GLU D 52 -108.98 -10.44 81.14
N PHE D 53 -108.40 -9.45 81.80
CA PHE D 53 -107.01 -9.54 82.22
C PHE D 53 -106.91 -9.62 83.75
N ASN D 54 -107.92 -10.23 84.35
CA ASN D 54 -107.98 -10.46 85.80
C ASN D 54 -107.77 -9.21 86.65
N GLY D 55 -108.28 -8.08 86.17
CA GLY D 55 -108.19 -6.84 86.92
C GLY D 55 -107.00 -5.97 86.61
N CYS D 56 -106.27 -6.30 85.56
CA CYS D 56 -105.13 -5.48 85.14
C CYS D 56 -105.46 -4.67 83.89
N PRO D 57 -105.03 -3.40 83.87
CA PRO D 57 -105.44 -2.45 82.81
C PRO D 57 -104.83 -2.75 81.44
N ASP D 58 -105.58 -2.41 80.40
CA ASP D 58 -105.08 -2.45 79.03
C ASP D 58 -105.20 -1.03 78.47
N THR D 59 -104.29 -0.17 78.89
CA THR D 59 -104.37 1.27 78.64
C THR D 59 -104.58 1.69 77.17
N ASP D 60 -103.85 1.08 76.25
CA ASP D 60 -103.98 1.40 74.83
C ASP D 60 -105.04 0.56 74.12
N GLY D 61 -105.53 -0.46 74.82
CA GLY D 61 -106.65 -1.26 74.32
C GLY D 61 -106.34 -2.29 73.24
N ASP D 62 -105.07 -2.67 73.10
CA ASP D 62 -104.69 -3.61 72.04
C ASP D 62 -104.89 -5.08 72.42
N GLY D 63 -105.40 -5.32 73.63
CA GLY D 63 -105.70 -6.68 74.05
C GLY D 63 -104.54 -7.31 74.79
N ILE D 64 -103.49 -6.53 75.01
CA ILE D 64 -102.35 -6.98 75.81
C ILE D 64 -102.19 -6.05 76.99
N PRO D 65 -102.40 -6.57 78.21
CA PRO D 65 -102.43 -5.71 79.40
C PRO D 65 -101.07 -5.07 79.62
N ASP D 66 -101.07 -3.86 80.19
CA ASP D 66 -99.84 -3.07 80.40
C ASP D 66 -98.74 -3.91 81.03
N LYS D 67 -99.14 -4.83 81.90
CA LYS D 67 -98.22 -5.73 82.59
C LYS D 67 -97.33 -6.50 81.62
N ASP D 68 -97.84 -6.77 80.42
CA ASP D 68 -97.11 -7.57 79.44
C ASP D 68 -97.03 -6.87 78.07
N ASP D 69 -97.25 -5.57 78.06
CA ASP D 69 -97.22 -4.80 76.81
C ASP D 69 -95.86 -4.11 76.68
N ALA D 70 -95.10 -4.49 75.67
CA ALA D 70 -93.79 -3.90 75.43
C ALA D 70 -93.92 -2.39 75.18
N CYS D 71 -94.99 -2.00 74.50
CA CYS D 71 -95.31 -0.59 74.31
C CYS D 71 -96.73 -0.34 74.84
N PRO D 72 -96.87 -0.19 76.17
CA PRO D 72 -98.17 -0.15 76.84
C PRO D 72 -98.97 1.14 76.58
N GLU D 73 -98.34 2.14 75.97
CA GLU D 73 -99.03 3.39 75.67
C GLU D 73 -99.53 3.46 74.23
N VAL D 74 -99.05 2.56 73.38
CA VAL D 74 -99.42 2.57 71.96
C VAL D 74 -99.88 1.19 71.50
N ALA D 75 -101.04 1.16 70.83
CA ALA D 75 -101.61 -0.10 70.35
C ALA D 75 -100.66 -0.81 69.38
N GLY D 76 -100.62 -2.13 69.47
CA GLY D 76 -99.76 -2.94 68.62
C GLY D 76 -100.13 -4.41 68.63
N PRO D 77 -99.80 -5.14 67.55
CA PRO D 77 -100.14 -6.56 67.42
C PRO D 77 -99.41 -7.45 68.44
N LYS D 78 -99.94 -8.63 68.67
CA LYS D 78 -99.38 -9.57 69.65
C LYS D 78 -98.03 -10.12 69.23
N GLU D 79 -97.83 -10.27 67.92
CA GLU D 79 -96.59 -10.82 67.38
C GLU D 79 -95.37 -9.96 67.74
N PHE D 80 -95.63 -8.67 67.96
CA PHE D 80 -94.57 -7.75 68.37
C PHE D 80 -94.81 -7.29 69.80
N ASN D 81 -95.62 -8.04 70.53
CA ASN D 81 -95.92 -7.80 71.94
C ASN D 81 -96.49 -6.40 72.22
N GLY D 82 -97.47 -5.99 71.43
CA GLY D 82 -98.14 -4.72 71.64
C GLY D 82 -97.39 -3.53 71.08
N CYS D 83 -96.38 -3.79 70.26
CA CYS D 83 -95.64 -2.72 69.58
C CYS D 83 -96.06 -2.64 68.11
N PRO D 84 -96.24 -1.41 67.61
CA PRO D 84 -96.74 -1.18 66.25
C PRO D 84 -95.64 -1.12 65.18
N ASP D 85 -95.94 -1.66 64.02
CA ASP D 85 -95.07 -1.56 62.84
C ASP D 85 -95.78 -0.72 61.79
N THR D 86 -95.60 0.60 61.89
CA THR D 86 -96.29 1.57 61.04
C THR D 86 -96.12 1.32 59.54
N ASP D 87 -94.95 1.65 58.99
CA ASP D 87 -94.70 1.54 57.55
C ASP D 87 -94.81 0.10 57.05
N GLY D 88 -94.73 -0.86 57.98
CA GLY D 88 -94.96 -2.26 57.66
C GLY D 88 -93.77 -2.99 57.09
N ASP D 89 -92.56 -2.59 57.48
CA ASP D 89 -91.36 -3.28 56.98
C ASP D 89 -90.93 -4.40 57.91
N GLY D 90 -91.79 -4.75 58.86
CA GLY D 90 -91.54 -5.83 59.79
C GLY D 90 -90.75 -5.40 61.01
N ILE D 91 -90.39 -4.11 61.05
CA ILE D 91 -89.57 -3.57 62.11
C ILE D 91 -90.33 -2.50 62.89
N PRO D 92 -90.72 -2.81 64.15
CA PRO D 92 -91.49 -1.90 65.00
C PRO D 92 -90.82 -0.54 65.14
N ASP D 93 -91.62 0.50 65.39
CA ASP D 93 -91.12 1.88 65.41
C ASP D 93 -90.01 2.12 66.45
N LYS D 94 -89.90 1.23 67.43
CA LYS D 94 -88.87 1.34 68.45
C LYS D 94 -87.53 0.79 67.97
N ASP D 95 -87.53 0.13 66.82
CA ASP D 95 -86.31 -0.41 66.23
C ASP D 95 -86.14 0.05 64.78
N ASP D 96 -86.98 0.99 64.37
CA ASP D 96 -86.98 1.49 62.98
C ASP D 96 -86.28 2.84 62.92
N LYS D 97 -85.11 2.88 62.29
CA LYS D 97 -84.36 4.12 62.12
C LYS D 97 -85.18 5.15 61.34
N CYS D 98 -85.94 4.67 60.37
CA CYS D 98 -86.87 5.50 59.63
C CYS D 98 -88.28 4.92 59.76
N PRO D 99 -89.00 5.29 60.83
CA PRO D 99 -90.28 4.69 61.19
C PRO D 99 -91.43 5.04 60.23
N ASP D 100 -91.20 6.01 59.36
CA ASP D 100 -92.24 6.46 58.44
C ASP D 100 -91.97 6.02 57.00
N VAL D 101 -90.80 5.41 56.77
CA VAL D 101 -90.42 4.93 55.44
C VAL D 101 -89.99 3.46 55.48
N ALA D 102 -90.63 2.63 54.66
CA ALA D 102 -90.32 1.21 54.61
C ALA D 102 -88.86 0.97 54.20
N GLY D 103 -88.18 0.13 54.95
CA GLY D 103 -86.78 -0.16 54.68
C GLY D 103 -86.35 -1.55 55.10
N PRO D 104 -85.20 -2.02 54.56
CA PRO D 104 -84.68 -3.35 54.87
C PRO D 104 -84.26 -3.49 56.33
N ALA D 105 -84.45 -4.68 56.89
CA ALA D 105 -84.15 -4.94 58.30
C ALA D 105 -82.65 -4.87 58.59
N GLU D 106 -81.83 -5.04 57.56
CA GLU D 106 -80.39 -5.05 57.73
C GLU D 106 -79.80 -3.64 57.75
N ASN D 107 -80.68 -2.64 57.81
CA ASN D 107 -80.25 -1.25 57.88
C ASN D 107 -81.14 -0.43 58.81
N GLY D 108 -81.74 -1.12 59.79
CA GLY D 108 -82.57 -0.46 60.79
C GLY D 108 -83.89 0.04 60.26
N GLY D 109 -84.42 -0.63 59.24
CA GLY D 109 -85.68 -0.24 58.64
C GLY D 109 -85.60 1.07 57.88
N CYS D 110 -84.43 1.36 57.33
CA CYS D 110 -84.23 2.57 56.53
C CYS D 110 -83.72 2.15 55.15
N PRO D 111 -84.30 2.74 54.09
CA PRO D 111 -83.98 2.35 52.69
C PRO D 111 -82.52 2.54 52.31
N TRP D 112 -81.97 1.62 51.52
CA TRP D 112 -80.59 1.74 51.02
C TRP D 112 -80.42 2.99 50.16
N PRO D 113 -79.44 3.84 50.52
CA PRO D 113 -79.17 5.03 49.71
C PRO D 113 -78.69 4.65 48.31
N ASP D 114 -79.00 5.50 47.34
CA ASP D 114 -78.47 5.36 45.99
C ASP D 114 -78.26 6.78 45.45
N THR D 115 -77.16 7.39 45.87
CA THR D 115 -76.88 8.80 45.56
C THR D 115 -76.85 9.11 44.07
N ASP D 116 -76.16 8.31 43.29
CA ASP D 116 -76.09 8.54 41.86
C ASP D 116 -77.28 7.91 41.13
N GLY D 117 -78.01 7.06 41.84
CA GLY D 117 -79.22 6.45 41.31
C GLY D 117 -79.03 5.65 40.04
N ASP D 118 -77.91 4.93 39.97
CA ASP D 118 -77.58 4.12 38.80
C ASP D 118 -78.09 2.69 38.94
N GLY D 119 -78.83 2.44 40.01
CA GLY D 119 -79.39 1.13 40.25
C GLY D 119 -78.49 0.25 41.10
N VAL D 120 -77.23 0.66 41.23
CA VAL D 120 -76.27 -0.05 42.06
C VAL D 120 -76.15 0.62 43.42
N LEU D 121 -76.69 -0.03 44.44
CA LEU D 121 -76.78 0.52 45.79
C LEU D 121 -75.43 0.94 46.40
N ASP D 122 -75.49 1.84 47.39
CA ASP D 122 -74.31 2.35 48.07
C ASP D 122 -73.67 1.31 48.98
N LYS D 123 -73.44 0.11 48.43
CA LYS D 123 -72.82 -0.98 49.16
C LYS D 123 -72.20 -1.96 48.18
N ASP D 124 -72.64 -1.87 46.93
CA ASP D 124 -72.04 -2.61 45.83
C ASP D 124 -71.54 -1.64 44.77
N ASP D 125 -71.65 -0.35 45.06
CA ASP D 125 -71.22 0.68 44.13
C ASP D 125 -69.80 1.12 44.42
N LEU D 126 -68.86 0.66 43.60
CA LEU D 126 -67.46 1.03 43.78
C LEU D 126 -67.27 2.52 43.49
N CYS D 127 -68.13 3.07 42.63
CA CYS D 127 -68.17 4.51 42.36
C CYS D 127 -69.52 5.08 42.78
N PRO D 128 -69.66 5.39 44.09
CA PRO D 128 -70.94 5.74 44.72
C PRO D 128 -71.62 7.00 44.16
N GLU D 129 -70.86 7.97 43.71
CA GLU D 129 -71.45 9.24 43.27
C GLU D 129 -71.51 9.39 41.75
N VAL D 130 -70.99 8.41 41.02
CA VAL D 130 -71.01 8.46 39.56
C VAL D 130 -71.70 7.25 38.94
N ALA D 131 -72.68 7.50 38.09
CA ALA D 131 -73.46 6.44 37.45
C ALA D 131 -72.61 5.55 36.53
N GLY D 132 -72.73 4.24 36.74
CA GLY D 132 -72.06 3.25 35.91
C GLY D 132 -72.87 1.97 35.85
N PRO D 133 -72.62 1.14 34.82
CA PRO D 133 -73.35 -0.11 34.64
C PRO D 133 -73.05 -1.11 35.76
N ALA D 134 -74.01 -2.00 36.04
CA ALA D 134 -73.80 -3.02 37.06
C ALA D 134 -72.77 -4.04 36.62
N SER D 135 -72.54 -4.12 35.31
CA SER D 135 -71.50 -4.99 34.77
C SER D 135 -70.11 -4.44 35.10
N ASN D 136 -70.07 -3.17 35.49
CA ASN D 136 -68.82 -2.56 35.94
C ASN D 136 -68.90 -2.11 37.41
N LYS D 137 -69.68 -2.82 38.19
CA LYS D 137 -69.80 -2.60 39.63
C LYS D 137 -70.18 -1.16 39.99
N GLY D 138 -70.90 -0.50 39.09
CA GLY D 138 -71.36 0.86 39.33
C GLY D 138 -70.33 1.92 38.98
N CYS D 139 -69.18 1.50 38.47
CA CYS D 139 -68.16 2.44 38.04
C CYS D 139 -68.30 2.77 36.56
N PRO D 140 -68.09 4.04 36.20
CA PRO D 140 -68.13 4.45 34.80
C PRO D 140 -66.84 4.06 34.08
N GLU D 141 -66.95 3.81 32.78
CA GLU D 141 -65.79 3.62 31.92
C GLU D 141 -65.77 4.73 30.89
N PRO D 142 -64.57 5.07 30.38
CA PRO D 142 -64.48 6.06 29.32
C PRO D 142 -65.33 5.65 28.13
N ASP D 143 -66.18 6.54 27.63
CA ASP D 143 -67.00 6.20 26.48
C ASP D 143 -66.18 6.18 25.20
N GLU D 144 -66.80 5.74 24.11
CA GLU D 144 -66.12 5.59 22.83
C GLU D 144 -65.41 6.88 22.40
N LYS D 145 -65.96 8.02 22.79
CA LYS D 145 -65.40 9.31 22.42
C LYS D 145 -64.19 9.68 23.27
N GLU D 146 -64.23 9.32 24.55
CA GLU D 146 -63.10 9.56 25.45
C GLU D 146 -61.92 8.64 25.12
N GLN D 147 -62.23 7.39 24.79
CA GLN D 147 -61.20 6.42 24.40
C GLN D 147 -60.56 6.84 23.09
N LYS D 148 -61.38 7.36 22.18
CA LYS D 148 -60.89 7.83 20.90
C LYS D 148 -60.02 9.06 21.11
N GLN D 149 -60.47 9.95 21.99
CA GLN D 149 -59.71 11.16 22.28
C GLN D 149 -58.39 10.87 22.97
N LEU D 150 -58.37 9.81 23.78
CA LEU D 150 -57.17 9.36 24.45
C LEU D 150 -56.08 8.98 23.43
N ASN D 151 -56.49 8.28 22.38
CA ASN D 151 -55.55 7.89 21.34
C ASN D 151 -55.17 9.05 20.43
N GLN D 152 -56.02 10.08 20.39
CA GLN D 152 -55.67 11.32 19.71
C GLN D 152 -54.50 11.99 20.42
N TYR D 153 -54.53 11.97 21.74
CA TYR D 153 -53.41 12.47 22.54
C TYR D 153 -52.18 11.61 22.28
N ALA D 154 -52.36 10.30 22.42
CA ALA D 154 -51.24 9.35 22.36
C ALA D 154 -50.38 9.41 21.10
N LYS D 155 -50.96 9.80 19.97
CA LYS D 155 -50.16 9.87 18.75
C LYS D 155 -49.42 11.20 18.62
N THR D 156 -49.59 12.07 19.62
CA THR D 156 -48.86 13.33 19.67
C THR D 156 -47.55 13.14 20.45
N ILE D 157 -47.45 12.00 21.14
CA ILE D 157 -46.23 11.66 21.88
C ILE D 157 -45.05 11.51 20.93
N LEU D 158 -44.04 12.36 21.13
CA LEU D 158 -42.85 12.34 20.28
C LEU D 158 -41.68 11.69 21.01
N PHE D 159 -40.92 10.86 20.29
CA PHE D 159 -39.72 10.25 20.82
C PHE D 159 -38.52 10.75 20.04
N ASP D 160 -37.34 10.73 20.65
CA ASP D 160 -36.11 11.00 19.93
C ASP D 160 -35.96 9.91 18.87
N THR D 161 -35.54 10.31 17.68
CA THR D 161 -35.46 9.39 16.54
C THR D 161 -34.66 8.13 16.84
N GLY D 162 -35.28 6.97 16.63
CA GLY D 162 -34.64 5.69 16.85
C GLY D 162 -34.46 5.33 18.31
N LYS D 163 -34.97 6.18 19.20
CA LYS D 163 -34.87 5.93 20.63
C LYS D 163 -36.23 5.93 21.31
N ALA D 164 -36.24 5.66 22.61
CA ALA D 164 -37.47 5.58 23.36
C ALA D 164 -37.51 6.64 24.46
N THR D 165 -36.76 7.71 24.28
CA THR D 165 -36.78 8.81 25.23
C THR D 165 -37.83 9.85 24.84
N ILE D 166 -38.71 10.18 25.77
CA ILE D 166 -39.81 11.10 25.49
C ILE D 166 -39.35 12.54 25.45
N LYS D 167 -39.69 13.24 24.37
CA LYS D 167 -39.36 14.66 24.23
C LYS D 167 -40.25 15.52 25.13
N PHE D 168 -39.69 16.61 25.64
CA PHE D 168 -40.40 17.50 26.57
C PHE D 168 -41.68 18.08 25.99
N GLN D 169 -41.74 18.21 24.66
CA GLN D 169 -42.90 18.78 23.99
C GLN D 169 -44.15 17.93 24.22
N SER D 170 -43.96 16.67 24.59
CA SER D 170 -45.06 15.75 24.78
C SER D 170 -45.65 15.80 26.19
N ALA D 171 -45.09 16.67 27.03
CA ALA D 171 -45.49 16.76 28.43
C ALA D 171 -46.97 17.12 28.59
N GLU D 172 -47.40 18.15 27.88
CA GLU D 172 -48.78 18.61 27.94
C GLU D 172 -49.77 17.53 27.54
N VAL D 173 -49.47 16.85 26.44
CA VAL D 173 -50.32 15.78 25.94
C VAL D 173 -50.36 14.60 26.93
N LEU D 174 -49.20 14.22 27.44
CA LEU D 174 -49.11 13.13 28.40
C LEU D 174 -49.86 13.46 29.68
N ASN D 175 -49.78 14.71 30.12
CA ASN D 175 -50.50 15.15 31.30
C ASN D 175 -52.00 15.08 31.10
N GLN D 176 -52.44 15.38 29.88
CA GLN D 176 -53.86 15.24 29.54
C GLN D 176 -54.28 13.78 29.63
N ILE D 177 -53.36 12.89 29.29
CA ILE D 177 -53.61 11.45 29.37
C ILE D 177 -53.70 10.99 30.83
N ILE D 178 -52.84 11.56 31.68
CA ILE D 178 -52.84 11.29 33.11
C ILE D 178 -54.20 11.61 33.72
N ASN D 179 -54.72 12.79 33.38
CA ASN D 179 -56.01 13.24 33.86
C ASN D 179 -57.14 12.29 33.49
N VAL D 180 -57.12 11.79 32.26
CA VAL D 180 -58.12 10.82 31.82
C VAL D 180 -58.04 9.56 32.68
N LEU D 181 -56.83 9.03 32.86
CA LEU D 181 -56.64 7.81 33.65
C LEU D 181 -56.97 8.04 35.13
N LYS D 182 -56.83 9.28 35.59
CA LYS D 182 -57.17 9.63 36.96
C LYS D 182 -58.68 9.77 37.16
N LYS D 183 -59.40 9.97 36.06
CA LYS D 183 -60.85 10.09 36.12
C LYS D 183 -61.52 8.71 36.07
N TYR D 184 -60.69 7.68 35.94
CA TYR D 184 -61.18 6.31 35.96
C TYR D 184 -60.21 5.41 36.70
N PRO D 185 -60.01 5.66 38.00
CA PRO D 185 -58.96 5.00 38.78
C PRO D 185 -59.14 3.48 38.87
N ASN D 186 -60.34 3.00 38.54
CA ASN D 186 -60.60 1.56 38.56
C ASN D 186 -60.35 0.88 37.21
N SER D 187 -60.20 1.67 36.16
CA SER D 187 -59.94 1.12 34.83
C SER D 187 -58.45 0.84 34.60
N ARG D 188 -58.17 -0.24 33.86
CA ARG D 188 -56.79 -0.59 33.53
C ARG D 188 -56.48 -0.28 32.06
N PHE D 189 -55.23 0.04 31.76
CA PHE D 189 -54.88 0.47 30.41
C PHE D 189 -53.66 -0.23 29.83
N ARG D 190 -53.76 -0.62 28.56
CA ARG D 190 -52.66 -1.26 27.86
C ARG D 190 -51.98 -0.24 26.95
N ILE D 191 -50.72 0.04 27.24
CA ILE D 191 -49.93 0.98 26.45
C ILE D 191 -49.25 0.27 25.29
N GLU D 192 -49.57 0.68 24.07
CA GLU D 192 -49.14 -0.03 22.88
C GLU D 192 -48.15 0.79 22.05
N GLY D 193 -47.04 0.17 21.68
CA GLY D 193 -46.07 0.81 20.80
C GLY D 193 -46.11 0.19 19.41
N HIS D 194 -46.34 1.02 18.40
CA HIS D 194 -46.41 0.54 17.02
C HIS D 194 -45.43 1.25 16.10
N THR D 195 -44.92 0.52 15.10
CA THR D 195 -44.06 1.09 14.08
C THR D 195 -44.63 0.79 12.70
N ASP D 196 -44.02 1.37 11.67
CA ASP D 196 -44.33 0.95 10.31
C ASP D 196 -43.54 -0.30 9.98
N SER D 197 -43.63 -0.77 8.73
CA SER D 197 -42.93 -1.99 8.33
C SER D 197 -41.54 -1.75 7.72
N THR D 198 -41.12 -0.50 7.65
CA THR D 198 -39.76 -0.21 7.17
C THR D 198 -38.72 -0.58 8.22
N GLY D 199 -37.46 -0.69 7.80
CA GLY D 199 -36.40 -1.10 8.70
C GLY D 199 -36.51 -2.57 9.06
N LYS D 200 -35.68 -3.02 10.00
CA LYS D 200 -35.66 -4.41 10.42
C LYS D 200 -36.75 -4.68 11.46
N LYS D 201 -37.45 -5.81 11.32
CA LYS D 201 -38.58 -6.13 12.19
C LYS D 201 -38.18 -6.37 13.65
N ALA D 202 -37.12 -7.17 13.85
CA ALA D 202 -36.67 -7.50 15.19
C ALA D 202 -36.33 -6.25 16.01
N LYS D 203 -35.74 -5.27 15.36
CA LYS D 203 -35.42 -4.00 16.01
C LYS D 203 -36.66 -3.16 16.27
N ASN D 204 -37.65 -3.27 15.39
CA ASN D 204 -38.91 -2.55 15.57
C ASN D 204 -39.73 -3.11 16.74
N MET D 205 -39.70 -4.43 16.91
CA MET D 205 -40.34 -5.05 18.06
C MET D 205 -39.67 -4.53 19.33
N ILE D 206 -38.34 -4.53 19.35
CA ILE D 206 -37.60 -4.07 20.52
C ILE D 206 -37.92 -2.60 20.80
N LEU D 207 -37.77 -1.76 19.78
CA LEU D 207 -38.00 -0.33 19.92
C LEU D 207 -39.43 -0.01 20.36
N SER D 208 -40.39 -0.73 19.80
CA SER D 208 -41.80 -0.48 20.13
C SER D 208 -42.08 -0.82 21.58
N GLN D 209 -41.44 -1.89 22.07
CA GLN D 209 -41.57 -2.30 23.46
C GLN D 209 -40.94 -1.26 24.38
N ASN D 210 -39.76 -0.76 23.99
CA ASN D 210 -39.06 0.27 24.76
C ASN D 210 -39.88 1.54 24.87
N ARG D 211 -40.55 1.90 23.79
CA ARG D 211 -41.36 3.11 23.75
C ARG D 211 -42.61 2.97 24.61
N ALA D 212 -43.24 1.79 24.59
CA ALA D 212 -44.40 1.55 25.43
C ALA D 212 -44.00 1.55 26.90
N ASP D 213 -42.87 0.89 27.20
CA ASP D 213 -42.33 0.91 28.55
C ASP D 213 -42.03 2.34 29.00
N ALA D 214 -41.50 3.16 28.11
CA ALA D 214 -41.16 4.54 28.45
C ALA D 214 -42.40 5.34 28.84
N VAL D 215 -43.48 5.14 28.09
CA VAL D 215 -44.72 5.83 28.38
C VAL D 215 -45.27 5.35 29.72
N LYS D 216 -45.17 4.04 29.96
CA LYS D 216 -45.61 3.46 31.24
C LYS D 216 -44.87 4.10 32.41
N VAL D 217 -43.55 4.22 32.28
CA VAL D 217 -42.73 4.88 33.29
C VAL D 217 -43.24 6.29 33.57
N TYR D 218 -43.49 7.05 32.50
CA TYR D 218 -43.95 8.43 32.62
C TYR D 218 -45.27 8.52 33.39
N LEU D 219 -46.24 7.71 32.99
CA LEU D 219 -47.57 7.72 33.61
C LEU D 219 -47.49 7.38 35.10
N ILE D 220 -46.66 6.40 35.43
CA ILE D 220 -46.42 6.02 36.82
C ILE D 220 -45.86 7.20 37.62
N GLN D 221 -44.91 7.91 37.02
CA GLN D 221 -44.35 9.11 37.65
C GLN D 221 -45.40 10.22 37.76
N GLY D 222 -46.43 10.15 36.93
CA GLY D 222 -47.49 11.14 36.92
C GLY D 222 -48.58 10.82 37.94
N GLY D 223 -48.41 9.75 38.69
CA GLY D 223 -49.34 9.41 39.75
C GLY D 223 -50.19 8.17 39.50
N ILE D 224 -50.05 7.59 38.31
CA ILE D 224 -50.84 6.41 37.97
C ILE D 224 -50.21 5.16 38.59
N ASP D 225 -51.06 4.31 39.16
CA ASP D 225 -50.61 3.07 39.78
C ASP D 225 -50.06 2.12 38.71
N ALA D 226 -48.87 1.59 38.96
CA ALA D 226 -48.20 0.71 38.02
C ALA D 226 -49.04 -0.50 37.63
N GLY D 227 -49.73 -1.07 38.61
CA GLY D 227 -50.51 -2.29 38.40
C GLY D 227 -51.68 -2.10 37.44
N ARG D 228 -52.04 -0.85 37.18
CA ARG D 228 -53.15 -0.51 36.30
C ARG D 228 -52.74 -0.54 34.83
N LEU D 229 -51.43 -0.62 34.60
CA LEU D 229 -50.88 -0.43 33.26
C LEU D 229 -50.16 -1.66 32.72
N GLU D 230 -50.29 -1.86 31.41
CA GLU D 230 -49.59 -2.92 30.71
C GLU D 230 -48.94 -2.34 29.46
N SER D 231 -47.64 -2.56 29.29
CA SER D 231 -46.93 -2.00 28.15
C SER D 231 -46.55 -3.08 27.13
N GLN D 232 -47.02 -2.92 25.90
CA GLN D 232 -46.80 -3.95 24.88
C GLN D 232 -46.31 -3.38 23.56
N GLY D 233 -45.19 -3.93 23.07
CA GLY D 233 -44.66 -3.54 21.77
C GLY D 233 -45.20 -4.46 20.70
N PHE D 234 -45.65 -3.88 19.60
CA PHE D 234 -46.24 -4.64 18.51
C PHE D 234 -45.34 -4.64 17.29
N GLY D 235 -44.38 -3.72 17.26
CA GLY D 235 -43.63 -3.47 16.04
C GLY D 235 -44.61 -3.13 14.94
N PRO D 236 -44.48 -3.80 13.79
CA PRO D 236 -45.34 -3.52 12.63
C PRO D 236 -46.52 -4.48 12.55
N GLU D 237 -46.75 -5.26 13.61
CA GLU D 237 -47.70 -6.38 13.54
C GLU D 237 -49.18 -6.01 13.67
N LYS D 238 -49.48 -4.74 13.90
CA LYS D 238 -50.87 -4.30 13.91
C LYS D 238 -51.05 -2.96 13.20
N PRO D 239 -50.95 -2.97 11.86
CA PRO D 239 -51.12 -1.72 11.09
C PRO D 239 -52.56 -1.26 11.14
N ILE D 240 -52.75 0.06 11.12
CA ILE D 240 -54.08 0.63 10.94
C ILE D 240 -54.20 1.22 9.54
N ALA D 241 -53.07 1.34 8.85
CA ALA D 241 -53.06 1.86 7.49
C ALA D 241 -52.10 1.06 6.60
N SER D 242 -52.12 1.38 5.31
CA SER D 242 -51.20 0.75 4.36
C SER D 242 -49.78 1.25 4.59
N ASN D 243 -48.80 0.39 4.34
CA ASN D 243 -47.40 0.78 4.47
C ASN D 243 -46.78 1.18 3.13
N LYS D 244 -47.59 1.24 2.08
CA LYS D 244 -47.10 1.56 0.75
C LYS D 244 -46.95 3.06 0.53
N ASN D 245 -47.72 3.85 1.27
CA ASN D 245 -47.64 5.30 1.16
C ASN D 245 -47.05 5.95 2.41
N LYS D 246 -46.54 7.16 2.26
CA LYS D 246 -45.83 7.84 3.34
C LYS D 246 -46.77 8.19 4.49
N LYS D 247 -47.93 8.72 4.17
CA LYS D 247 -48.93 9.09 5.17
C LYS D 247 -49.40 7.86 5.95
N GLY D 248 -49.49 6.72 5.27
CA GLY D 248 -49.93 5.48 5.89
C GLY D 248 -48.94 4.98 6.92
N ARG D 249 -47.66 5.05 6.61
CA ARG D 249 -46.63 4.62 7.54
C ARG D 249 -46.54 5.56 8.74
N GLU D 250 -46.84 6.84 8.50
CA GLU D 250 -46.86 7.83 9.57
C GLU D 250 -47.99 7.51 10.54
N LEU D 251 -49.11 7.05 9.99
CA LEU D 251 -50.25 6.65 10.79
C LEU D 251 -49.93 5.39 11.60
N ASN D 252 -49.13 4.51 11.01
CA ASN D 252 -48.74 3.27 11.67
C ASN D 252 -47.74 3.47 12.82
N ARG D 253 -46.92 4.50 12.73
CA ARG D 253 -46.00 4.84 13.80
C ARG D 253 -46.77 5.58 14.87
N ARG D 254 -47.12 4.88 15.95
CA ARG D 254 -48.01 5.45 16.94
C ARG D 254 -47.87 4.78 18.30
N VAL D 255 -48.22 5.51 19.34
CA VAL D 255 -48.47 4.92 20.64
C VAL D 255 -49.98 4.86 20.79
N GLU D 256 -50.48 3.75 21.31
CA GLU D 256 -51.89 3.68 21.67
C GLU D 256 -52.06 3.43 23.17
N ILE D 257 -53.10 4.05 23.74
CA ILE D 257 -53.47 3.79 25.11
C ILE D 257 -54.90 3.27 25.16
N ASN D 258 -55.04 1.97 25.37
CA ASN D 258 -56.33 1.31 25.20
C ASN D 258 -56.92 0.74 26.48
N LEU D 259 -58.20 0.99 26.68
CA LEU D 259 -58.93 0.45 27.82
C LEU D 259 -58.88 -1.06 27.76
N ILE D 260 -58.46 -1.68 28.86
CA ILE D 260 -58.40 -3.12 28.93
C ILE D 260 -59.77 -3.68 29.33
N LYS D 261 -60.27 -4.63 28.53
CA LYS D 261 -61.59 -5.21 28.75
C LYS D 261 -61.46 -6.60 29.37
CA CA E . 120.32 -8.70 -100.36
CA CA F . 117.55 -8.54 -97.49
CA CA G . 109.27 0.27 -88.49
CA CA H . 106.08 0.81 -85.89
CA CA I . 98.92 5.56 -73.84
CA CA J . 95.51 5.43 -71.65
CA CA K . 87.52 6.65 -59.54
CA CA L . 83.96 7.94 -58.10
CA CA M . 67.97 11.32 -45.95
CA CA N . 64.22 10.98 -44.38
CA CA O . 49.51 2.34 -21.34
CA CA P . -39.40 26.80 20.63
CA CA Q . -35.54 25.94 19.96
CA CA R . -23.11 18.10 22.81
CA CA S . -19.50 16.92 21.56
CA CA T . -5.39 12.62 21.80
CA CA U . -2.47 10.76 19.67
CA CA V . 11.23 7.16 14.65
CA CA W . 13.23 4.49 12.54
CA CA X . 28.81 -3.40 2.02
CA CA Y . 31.16 -5.41 -0.58
S SO4 Z . 56.71 -15.25 -32.76
O1 SO4 Z . 57.26 -14.03 -33.33
O2 SO4 Z . 57.71 -16.31 -32.81
O3 SO4 Z . 56.32 -15.01 -31.38
O4 SO4 Z . 55.54 -15.66 -33.53
CA CA AA . 21.39 20.17 -37.42
CA CA BA . 18.97 17.73 -35.49
CA CA CA . 13.81 5.29 -29.02
CA CA DA . 11.17 3.67 -26.41
CA CA EA . 1.42 -6.20 -21.07
CA CA FA . -0.74 -7.32 -17.89
CA CA GA . -12.13 -12.67 -10.13
CA CA HA . -13.22 -14.43 -6.64
CA CA IA . -26.09 -18.96 8.61
CA CA JA . -27.80 -18.66 12.26
O1 MES KA . -59.84 -27.82 50.69
C2 MES KA . -59.12 -26.77 51.32
C3 MES KA . -60.07 -25.65 51.72
N4 MES KA . -60.79 -25.15 50.54
C5 MES KA . -61.51 -26.26 49.90
C6 MES KA . -60.53 -27.37 49.53
C7 MES KA . -61.74 -24.11 50.95
C8 MES KA . -62.49 -23.55 49.75
S MES KA . -63.45 -22.28 50.23
O1S MES KA . -62.60 -21.22 50.80
O2S MES KA . -64.19 -21.76 49.06
O3S MES KA . -64.40 -22.75 51.26
S SO4 LA . -50.94 -14.88 47.04
O1 SO4 LA . -49.62 -15.44 46.75
O2 SO4 LA . -51.64 -14.57 45.80
O3 SO4 LA . -51.71 -15.86 47.81
O4 SO4 LA . -50.78 -13.67 47.82
CA CA MA . -50.49 -8.22 26.09
CA CA NA . -115.76 -9.83 105.48
CA CA OA . -110.35 -4.82 92.19
CA CA PA . -107.32 -4.33 89.52
CA CA QA . -102.15 -2.88 75.76
CA CA RA . -99.21 -1.70 73.24
CA CA SA . -91.46 -0.35 60.53
CA CA TA . -88.90 1.93 58.28
CA CA UA . -75.31 3.86 43.07
CA CA VA . -72.11 4.29 40.68
#